data_1KEC
#
_entry.id   1KEC
#
_cell.length_a   50.781
_cell.length_b   64.226
_cell.length_c   64.543
_cell.angle_alpha   72.60
_cell.angle_beta   73.86
_cell.angle_gamma   73.56
#
_symmetry.space_group_name_H-M   'P 1'
#
loop_
_entity.id
_entity.type
_entity.pdbx_description
1 polymer 'PENICILLIN ACYLASE ALPHA SUBUNIT'
2 polymer 'PENICILLIN ACYLASE BETA SUBUNIT'
3 non-polymer 'CALCIUM ION'
4 non-polymer 'R-2-PHENYL-PROPRIONIC ACID'
5 water water
#
loop_
_entity_poly.entity_id
_entity_poly.type
_entity_poly.pdbx_seq_one_letter_code
_entity_poly.pdbx_strand_id
1 'polypeptide(L)'
;AEQSSSEIKIVRDEYGMPHIYANDTWHLFYGYGYVVAQDRLFQMEMARRSTQGTVAEVLGKDFVKFDKDIRRNYWPDAIR
AQIAALSPEDMSILQGYADGMNAWIDKVNTNPETLLPKQFNTFGFTPKRWEPFDVAMIFVGTMANRYSDSTSEIDNLALL
TALKDKYGVSQGMAVFNQLKWLVNPSAPTTIAVQESNYPLKFNQQNSQT
;
A
2 'polypeptide(L)'
;SNMWVIGKSKAQDAKAIMVNGPQFGWYAPAYTYGIGLHGAGYDVTGNTPFAYPGLVFGHNGVISWGSTAGFGDDVDIFAE
RLSAEKPGYYLHNGKWVKMLSREETITVKNGQAETFTVWRTVHGNILQTDQTTQTAYAKSRAWDGKELASLLAWTHQMKA
KNWQEWTQQAAKQALTINWYYADVNGNIGYVHTGAYPDRQSGHDPRLPVPGTGKWDWKGLLPFEMNPKVYNPQSGYIANW
NNSPQKDYPASDLFAFLWGGADRVTEIDRLLEQKPRLTADQAWDVIRQTSRQDLNLRLFLPTLQAATSGLTQSDPRRQLV
ETLTRWDGINLLNDDGKTWQQPGSAILNVWLTSMLKRTVVAAVPMPFDKWYSASGYETTQDGPTGSLNISVGAKILYEAV
QGDKSPIPQAVDLFAGKPQQEVVLAALEDTWETLSKRYGNNVSNWKTPAMALTFRANNFFGVPQAAAEETRHQAEYQNRG
TENDMIVFSPTTSDRPVLAWDVVAPGQSGFIAPDGTVDKHYEDQLKMYENFGRKSLWLTKQDVEAHKESQEVLHVQR
;
B
#
loop_
_chem_comp.id
_chem_comp.type
_chem_comp.name
_chem_comp.formula
CA non-polymer 'CALCIUM ION' 'Ca 2'
GRO non-polymer 'R-2-PHENYL-PROPRIONIC ACID' 'C9 H10 O2'
#
# COMPACT_ATOMS: atom_id res chain seq x y z
N SER A 4 -18.41 -36.95 -1.64
CA SER A 4 -18.75 -36.62 -3.07
C SER A 4 -17.77 -35.60 -3.68
N SER A 5 -17.27 -35.92 -4.86
CA SER A 5 -16.37 -35.01 -5.53
C SER A 5 -17.10 -33.75 -6.00
N SER A 6 -18.42 -33.80 -6.06
CA SER A 6 -19.17 -32.64 -6.51
C SER A 6 -19.70 -31.79 -5.36
N GLU A 7 -19.45 -32.23 -4.14
CA GLU A 7 -19.96 -31.56 -2.94
C GLU A 7 -19.13 -30.37 -2.50
N ILE A 8 -19.79 -29.22 -2.34
CA ILE A 8 -19.16 -28.00 -1.82
C ILE A 8 -19.95 -27.57 -0.59
N LYS A 9 -19.32 -27.61 0.58
CA LYS A 9 -19.99 -27.16 1.79
C LYS A 9 -19.48 -25.78 2.18
N ILE A 10 -20.41 -24.91 2.50
CA ILE A 10 -20.12 -23.55 2.92
C ILE A 10 -20.63 -23.35 4.33
N VAL A 11 -19.74 -23.00 5.26
CA VAL A 11 -20.14 -22.81 6.65
C VAL A 11 -19.74 -21.42 7.05
N ARG A 12 -20.69 -20.67 7.57
CA ARG A 12 -20.38 -19.30 7.96
C ARG A 12 -20.34 -19.21 9.48
N ASP A 13 -19.36 -18.47 9.99
CA ASP A 13 -19.17 -18.31 11.44
C ASP A 13 -20.00 -17.15 12.04
N GLU A 14 -19.69 -16.75 13.26
CA GLU A 14 -20.51 -15.75 13.97
C GLU A 14 -20.46 -14.34 13.37
N TYR A 15 -19.49 -14.10 12.50
CA TYR A 15 -19.33 -12.82 11.84
C TYR A 15 -19.67 -12.88 10.34
N GLY A 16 -20.31 -13.98 9.93
CA GLY A 16 -20.63 -14.17 8.52
C GLY A 16 -19.49 -14.64 7.63
N MET A 17 -18.34 -14.91 8.23
CA MET A 17 -17.15 -15.32 7.48
C MET A 17 -17.30 -16.75 6.97
N PRO A 18 -17.20 -16.93 5.67
CA PRO A 18 -17.37 -18.25 5.06
C PRO A 18 -16.12 -19.14 5.02
N HIS A 19 -16.35 -20.42 5.25
CA HIS A 19 -15.35 -21.45 5.13
C HIS A 19 -15.83 -22.45 4.11
N ILE A 20 -15.05 -22.62 3.05
CA ILE A 20 -15.38 -23.51 1.96
C ILE A 20 -14.74 -24.87 2.21
N TYR A 21 -15.49 -25.95 1.98
CA TYR A 21 -14.97 -27.31 2.06
C TYR A 21 -15.26 -28.01 0.73
N ALA A 22 -14.20 -28.44 0.04
CA ALA A 22 -14.35 -29.12 -1.25
C ALA A 22 -13.16 -30.04 -1.56
N ASN A 23 -13.36 -30.98 -2.46
CA ASN A 23 -12.32 -31.95 -2.79
C ASN A 23 -11.29 -31.53 -3.82
N ASP A 24 -11.71 -30.86 -4.90
CA ASP A 24 -10.74 -30.49 -5.93
C ASP A 24 -10.58 -28.99 -6.09
N THR A 25 -9.58 -28.59 -6.86
CA THR A 25 -9.29 -27.19 -7.06
C THR A 25 -10.49 -26.40 -7.55
N TRP A 26 -11.12 -26.88 -8.61
CA TRP A 26 -12.25 -26.18 -9.20
C TRP A 26 -13.43 -25.99 -8.26
N HIS A 27 -13.78 -27.02 -7.50
CA HIS A 27 -14.92 -26.89 -6.60
C HIS A 27 -14.60 -25.94 -5.43
N LEU A 28 -13.38 -26.02 -4.93
CA LEU A 28 -12.96 -25.15 -3.84
C LEU A 28 -13.13 -23.67 -4.21
N PHE A 29 -12.52 -23.25 -5.30
CA PHE A 29 -12.64 -21.86 -5.69
C PHE A 29 -14.01 -21.48 -6.24
N TYR A 30 -14.80 -22.48 -6.65
CA TYR A 30 -16.19 -22.24 -7.05
C TYR A 30 -16.94 -21.72 -5.82
N GLY A 31 -16.66 -22.35 -4.69
CA GLY A 31 -17.30 -22.00 -3.45
C GLY A 31 -16.89 -20.62 -3.03
N TYR A 32 -15.61 -20.32 -3.23
CA TYR A 32 -15.10 -19.01 -2.88
C TYR A 32 -15.84 -17.96 -3.73
N GLY A 33 -15.84 -18.11 -5.05
CA GLY A 33 -16.58 -17.18 -5.90
C GLY A 33 -18.04 -17.04 -5.51
N TYR A 34 -18.66 -18.15 -5.14
CA TYR A 34 -20.06 -18.14 -4.74
C TYR A 34 -20.30 -17.22 -3.56
N VAL A 35 -19.50 -17.36 -2.50
CA VAL A 35 -19.71 -16.53 -1.33
C VAL A 35 -19.36 -15.06 -1.58
N VAL A 36 -18.41 -14.83 -2.47
CA VAL A 36 -18.00 -13.46 -2.79
C VAL A 36 -19.18 -12.76 -3.44
N ALA A 37 -19.82 -13.45 -4.38
CA ALA A 37 -21.00 -12.93 -5.06
C ALA A 37 -22.17 -12.71 -4.08
N GLN A 38 -22.25 -13.50 -3.02
CA GLN A 38 -23.30 -13.31 -2.04
C GLN A 38 -23.03 -12.09 -1.19
N ASP A 39 -21.75 -11.90 -0.85
CA ASP A 39 -21.37 -10.85 0.09
C ASP A 39 -21.12 -9.48 -0.53
N ARG A 40 -20.41 -9.46 -1.66
CA ARG A 40 -19.87 -8.21 -2.21
C ARG A 40 -20.09 -7.97 -3.70
N LEU A 41 -21.19 -8.51 -4.24
CA LEU A 41 -21.45 -8.44 -5.66
C LEU A 41 -21.36 -7.05 -6.25
N PHE A 42 -22.02 -6.07 -5.64
CA PHE A 42 -21.96 -4.71 -6.17
C PHE A 42 -20.54 -4.17 -6.07
N GLN A 43 -19.89 -4.37 -4.94
CA GLN A 43 -18.53 -3.90 -4.76
C GLN A 43 -17.61 -4.51 -5.80
N MET A 44 -17.78 -5.81 -6.04
CA MET A 44 -16.96 -6.52 -7.04
C MET A 44 -17.33 -6.11 -8.47
N GLU A 45 -18.61 -5.84 -8.72
CA GLU A 45 -19.01 -5.41 -10.07
C GLU A 45 -18.33 -4.10 -10.41
N MET A 46 -18.43 -3.13 -9.51
CA MET A 46 -17.80 -1.82 -9.75
C MET A 46 -16.28 -1.92 -9.77
N ALA A 47 -15.72 -2.88 -9.03
CA ALA A 47 -14.29 -3.07 -9.05
C ALA A 47 -13.90 -3.60 -10.42
N ARG A 48 -14.66 -4.53 -10.96
CA ARG A 48 -14.36 -5.07 -12.27
C ARG A 48 -14.30 -3.94 -13.28
N ARG A 49 -15.30 -3.06 -13.20
CA ARG A 49 -15.40 -1.93 -14.09
C ARG A 49 -14.27 -0.92 -13.94
N SER A 50 -13.83 -0.69 -12.71
CA SER A 50 -12.74 0.24 -12.48
C SER A 50 -11.46 -0.32 -13.12
N THR A 51 -11.20 -1.62 -12.93
CA THR A 51 -9.96 -2.20 -13.42
C THR A 51 -9.92 -2.42 -14.93
N GLN A 52 -11.07 -2.33 -15.60
CA GLN A 52 -11.10 -2.50 -17.05
C GLN A 52 -11.48 -1.23 -17.77
N GLY A 53 -11.78 -0.17 -17.02
CA GLY A 53 -12.17 1.10 -17.61
C GLY A 53 -13.52 1.07 -18.32
N THR A 54 -14.55 0.55 -17.65
CA THR A 54 -15.88 0.52 -18.23
C THR A 54 -16.89 1.10 -17.26
N VAL A 55 -16.44 2.05 -16.45
CA VAL A 55 -17.31 2.70 -15.51
C VAL A 55 -18.29 3.66 -16.21
N ALA A 56 -17.79 4.40 -17.20
CA ALA A 56 -18.65 5.32 -17.93
C ALA A 56 -19.89 4.64 -18.53
N GLU A 57 -19.78 3.36 -18.86
CA GLU A 57 -20.93 2.65 -19.39
C GLU A 57 -22.10 2.74 -18.45
N VAL A 58 -21.83 2.92 -17.16
CA VAL A 58 -22.93 2.95 -16.20
C VAL A 58 -23.04 4.24 -15.42
N LEU A 59 -21.95 4.99 -15.30
CA LEU A 59 -22.01 6.20 -14.51
C LEU A 59 -21.98 7.46 -15.34
N GLY A 60 -21.75 7.35 -16.63
CA GLY A 60 -21.74 8.53 -17.48
C GLY A 60 -20.43 9.28 -17.74
N LYS A 61 -20.59 10.38 -18.47
CA LYS A 61 -19.48 11.21 -18.97
C LYS A 61 -18.42 11.67 -17.97
N ASP A 62 -18.71 11.68 -16.68
CA ASP A 62 -17.68 12.16 -15.78
C ASP A 62 -16.56 11.11 -15.62
N PHE A 63 -16.79 9.90 -16.16
CA PHE A 63 -15.83 8.81 -16.00
C PHE A 63 -15.11 8.39 -17.26
N VAL A 64 -15.25 9.19 -18.31
CA VAL A 64 -14.62 8.89 -19.60
C VAL A 64 -13.12 9.00 -19.51
N LYS A 65 -12.64 10.13 -18.99
CA LYS A 65 -11.21 10.31 -18.82
C LYS A 65 -10.66 9.16 -17.96
N PHE A 66 -11.37 8.82 -16.90
CA PHE A 66 -10.92 7.77 -16.03
C PHE A 66 -10.78 6.45 -16.79
N ASP A 67 -11.81 6.11 -17.59
CA ASP A 67 -11.81 4.87 -18.37
C ASP A 67 -10.64 4.79 -19.32
N LYS A 68 -10.44 5.87 -20.08
CA LYS A 68 -9.33 5.96 -21.01
C LYS A 68 -7.99 5.75 -20.30
N ASP A 69 -7.78 6.40 -19.16
CA ASP A 69 -6.53 6.24 -18.42
C ASP A 69 -6.29 4.78 -18.00
N ILE A 70 -7.35 4.10 -17.56
CA ILE A 70 -7.22 2.70 -17.19
C ILE A 70 -6.76 1.89 -18.39
N ARG A 71 -7.44 2.07 -19.51
CA ARG A 71 -7.12 1.23 -20.67
C ARG A 71 -5.72 1.46 -21.22
N ARG A 72 -5.22 2.68 -21.12
CA ARG A 72 -3.89 2.98 -21.64
C ARG A 72 -2.77 2.40 -20.77
N ASN A 73 -3.13 1.91 -19.59
CA ASN A 73 -2.16 1.47 -18.63
C ASN A 73 -1.95 -0.04 -18.56
N TYR A 74 -2.65 -0.79 -19.41
CA TYR A 74 -2.41 -2.23 -19.54
C TYR A 74 -2.70 -2.73 -20.94
N TRP A 75 -2.44 -4.01 -21.16
CA TRP A 75 -2.57 -4.63 -22.46
C TRP A 75 -3.33 -5.95 -22.30
N PRO A 76 -4.65 -5.86 -22.47
CA PRO A 76 -5.57 -6.98 -22.25
C PRO A 76 -5.09 -8.29 -22.88
N ASP A 77 -4.64 -8.23 -24.13
CA ASP A 77 -4.23 -9.45 -24.79
C ASP A 77 -3.09 -10.17 -24.09
N ALA A 78 -2.17 -9.42 -23.49
CA ALA A 78 -1.06 -10.02 -22.78
C ALA A 78 -1.59 -10.74 -21.55
N ILE A 79 -2.52 -10.10 -20.86
CA ILE A 79 -3.11 -10.74 -19.71
C ILE A 79 -3.80 -12.05 -20.14
N ARG A 80 -4.55 -11.99 -21.24
CA ARG A 80 -5.24 -13.17 -21.74
C ARG A 80 -4.27 -14.29 -22.13
N ALA A 81 -3.15 -13.92 -22.73
CA ALA A 81 -2.20 -14.94 -23.10
C ALA A 81 -1.60 -15.58 -21.85
N GLN A 82 -1.40 -14.81 -20.79
CA GLN A 82 -0.86 -15.41 -19.57
C GLN A 82 -1.85 -16.44 -19.06
N ILE A 83 -3.14 -16.15 -19.19
CA ILE A 83 -4.13 -17.09 -18.72
C ILE A 83 -4.18 -18.34 -19.60
N ALA A 84 -4.01 -18.17 -20.91
CA ALA A 84 -4.08 -19.32 -21.81
C ALA A 84 -2.93 -20.28 -21.62
N ALA A 85 -1.81 -19.77 -21.10
CA ALA A 85 -0.62 -20.58 -20.84
C ALA A 85 -0.66 -21.28 -19.48
N LEU A 86 -1.71 -21.03 -18.71
CA LEU A 86 -1.80 -21.62 -17.38
C LEU A 86 -2.03 -23.14 -17.43
N SER A 87 -1.48 -23.86 -16.46
CA SER A 87 -1.74 -25.30 -16.39
C SER A 87 -3.20 -25.55 -15.99
N PRO A 88 -3.73 -26.73 -16.29
CA PRO A 88 -5.10 -27.04 -15.91
C PRO A 88 -5.37 -26.74 -14.43
N GLU A 89 -4.43 -27.05 -13.54
CA GLU A 89 -4.60 -26.82 -12.11
C GLU A 89 -4.70 -25.33 -11.77
N ASP A 90 -3.85 -24.51 -12.35
CA ASP A 90 -3.90 -23.09 -12.08
C ASP A 90 -5.16 -22.47 -12.67
N MET A 91 -5.50 -22.88 -13.89
CA MET A 91 -6.69 -22.39 -14.58
C MET A 91 -7.91 -22.69 -13.73
N SER A 92 -7.92 -23.88 -13.15
CA SER A 92 -9.02 -24.31 -12.29
C SER A 92 -9.31 -23.31 -11.18
N ILE A 93 -8.27 -22.62 -10.72
CA ILE A 93 -8.47 -21.59 -9.71
C ILE A 93 -9.32 -20.46 -10.27
N LEU A 94 -8.92 -19.92 -11.40
CA LEU A 94 -9.64 -18.79 -11.99
C LEU A 94 -10.98 -19.19 -12.57
N GLN A 95 -11.05 -20.36 -13.20
CA GLN A 95 -12.31 -20.78 -13.80
C GLN A 95 -13.34 -21.09 -12.71
N GLY A 96 -12.91 -21.79 -11.67
CA GLY A 96 -13.80 -22.14 -10.58
C GLY A 96 -14.39 -20.89 -9.94
N TYR A 97 -13.51 -19.97 -9.60
CA TYR A 97 -13.89 -18.72 -9.01
C TYR A 97 -14.91 -18.01 -9.90
N ALA A 98 -14.60 -17.88 -11.20
CA ALA A 98 -15.58 -17.26 -12.10
C ALA A 98 -16.92 -18.04 -12.15
N ASP A 99 -16.85 -19.36 -12.17
CA ASP A 99 -18.06 -20.19 -12.23
C ASP A 99 -18.92 -20.06 -11.00
N GLY A 100 -18.29 -20.06 -9.83
CA GLY A 100 -18.98 -19.90 -8.58
C GLY A 100 -19.72 -18.57 -8.54
N MET A 101 -19.08 -17.53 -9.05
CA MET A 101 -19.75 -16.24 -9.06
C MET A 101 -20.92 -16.35 -9.99
N ASN A 102 -20.72 -17.03 -11.11
CA ASN A 102 -21.78 -17.10 -12.09
C ASN A 102 -23.01 -17.83 -11.56
N ALA A 103 -22.76 -18.83 -10.73
CA ALA A 103 -23.86 -19.56 -10.14
C ALA A 103 -24.69 -18.64 -9.31
N TRP A 104 -24.07 -17.78 -8.51
CA TRP A 104 -24.91 -16.89 -7.69
C TRP A 104 -25.59 -15.81 -8.52
N ILE A 105 -24.85 -15.29 -9.49
CA ILE A 105 -25.37 -14.24 -10.35
C ILE A 105 -26.58 -14.70 -11.15
N ASP A 106 -26.54 -15.95 -11.60
CA ASP A 106 -27.68 -16.51 -12.30
C ASP A 106 -28.88 -16.52 -11.35
N LYS A 107 -28.69 -16.93 -10.10
CA LYS A 107 -29.81 -16.97 -9.17
C LYS A 107 -30.32 -15.56 -8.88
N VAL A 108 -29.41 -14.59 -8.87
CA VAL A 108 -29.76 -13.19 -8.62
C VAL A 108 -30.63 -12.62 -9.75
N ASN A 109 -30.27 -12.92 -10.99
CA ASN A 109 -31.00 -12.36 -12.11
C ASN A 109 -32.26 -13.16 -12.41
N THR A 110 -32.40 -14.31 -11.74
CA THR A 110 -33.60 -15.11 -11.89
C THR A 110 -34.69 -14.63 -10.93
N ASN A 111 -34.28 -14.11 -9.78
CA ASN A 111 -35.21 -13.66 -8.76
C ASN A 111 -34.73 -12.35 -8.15
N PRO A 112 -34.59 -11.33 -9.00
CA PRO A 112 -34.08 -10.04 -8.56
C PRO A 112 -34.97 -9.35 -7.53
N GLU A 113 -36.26 -9.66 -7.48
CA GLU A 113 -37.15 -8.99 -6.52
C GLU A 113 -36.74 -9.24 -5.09
N THR A 114 -36.03 -10.34 -4.85
CA THR A 114 -35.57 -10.63 -3.50
C THR A 114 -34.05 -10.77 -3.36
N LEU A 115 -33.32 -10.98 -4.46
CA LEU A 115 -31.86 -11.18 -4.35
C LEU A 115 -30.95 -10.10 -4.93
N LEU A 116 -31.49 -9.21 -5.75
CA LEU A 116 -30.65 -8.18 -6.38
C LEU A 116 -30.25 -7.14 -5.35
N PRO A 117 -28.95 -6.99 -5.09
CA PRO A 117 -28.51 -5.95 -4.15
C PRO A 117 -29.09 -4.61 -4.56
N LYS A 118 -29.58 -3.86 -3.58
CA LYS A 118 -30.28 -2.60 -3.83
C LYS A 118 -29.52 -1.62 -4.74
N GLN A 119 -28.19 -1.62 -4.62
CA GLN A 119 -27.36 -0.70 -5.37
C GLN A 119 -27.56 -0.84 -6.88
N PHE A 120 -27.89 -2.05 -7.34
CA PHE A 120 -28.09 -2.30 -8.77
C PHE A 120 -29.35 -1.60 -9.25
N ASN A 121 -30.41 -1.66 -8.46
CA ASN A 121 -31.62 -0.92 -8.78
C ASN A 121 -31.33 0.58 -8.76
N THR A 122 -30.57 1.02 -7.74
CA THR A 122 -30.21 2.43 -7.59
C THR A 122 -29.39 3.01 -8.74
N PHE A 123 -28.40 2.26 -9.24
CA PHE A 123 -27.54 2.78 -10.30
C PHE A 123 -28.07 2.45 -11.70
N GLY A 124 -29.13 1.65 -11.76
CA GLY A 124 -29.82 1.39 -13.01
C GLY A 124 -29.24 0.35 -13.97
N PHE A 125 -28.72 -0.76 -13.43
CA PHE A 125 -28.19 -1.81 -14.29
C PHE A 125 -28.19 -3.16 -13.56
N THR A 126 -27.97 -4.25 -14.28
CA THR A 126 -27.92 -5.55 -13.61
C THR A 126 -26.56 -6.20 -13.81
N PRO A 127 -26.19 -7.10 -12.90
CA PRO A 127 -24.88 -7.76 -12.97
C PRO A 127 -24.80 -8.79 -14.08
N LYS A 128 -23.60 -8.92 -14.67
CA LYS A 128 -23.35 -9.91 -15.73
C LYS A 128 -22.29 -10.92 -15.28
N ARG A 129 -22.21 -12.01 -16.02
CA ARG A 129 -21.32 -13.10 -15.68
C ARG A 129 -19.83 -12.75 -15.75
N TRP A 130 -19.02 -13.55 -15.09
CA TRP A 130 -17.58 -13.35 -15.00
C TRP A 130 -16.80 -14.44 -15.75
N GLU A 131 -15.56 -14.11 -16.13
CA GLU A 131 -14.62 -15.05 -16.77
C GLU A 131 -13.28 -14.91 -16.03
N PRO A 132 -12.37 -15.87 -16.20
CA PRO A 132 -11.05 -15.80 -15.56
C PRO A 132 -10.34 -14.45 -15.79
N PHE A 133 -10.46 -13.90 -16.99
CA PHE A 133 -9.86 -12.60 -17.28
C PHE A 133 -10.30 -11.58 -16.23
N ASP A 134 -11.60 -11.57 -15.92
CA ASP A 134 -12.12 -10.59 -14.98
C ASP A 134 -11.49 -10.77 -13.61
N VAL A 135 -11.43 -12.02 -13.15
CA VAL A 135 -10.86 -12.30 -11.85
C VAL A 135 -9.41 -11.84 -11.84
N ALA A 136 -8.69 -12.10 -12.91
CA ALA A 136 -7.27 -11.77 -13.00
C ALA A 136 -7.05 -10.25 -12.95
N MET A 137 -7.96 -9.53 -13.59
CA MET A 137 -7.84 -8.08 -13.68
C MET A 137 -8.18 -7.38 -12.36
N ILE A 138 -9.03 -8.00 -11.54
CA ILE A 138 -9.29 -7.48 -10.20
C ILE A 138 -7.93 -7.34 -9.52
N PHE A 139 -7.18 -8.42 -9.52
CA PHE A 139 -5.84 -8.45 -8.94
C PHE A 139 -4.88 -7.50 -9.67
N VAL A 140 -4.83 -7.58 -10.98
CA VAL A 140 -3.93 -6.71 -11.74
C VAL A 140 -4.26 -5.23 -11.52
N GLY A 141 -5.54 -4.90 -11.59
CA GLY A 141 -5.94 -3.52 -11.48
C GLY A 141 -5.85 -2.90 -10.09
N THR A 142 -6.02 -3.72 -9.04
CA THR A 142 -6.04 -3.14 -7.69
C THR A 142 -4.81 -3.40 -6.85
N MET A 143 -3.91 -4.26 -7.31
CA MET A 143 -2.69 -4.55 -6.56
C MET A 143 -1.46 -4.11 -7.34
N ALA A 144 -1.27 -4.69 -8.52
CA ALA A 144 -0.12 -4.40 -9.36
C ALA A 144 -0.10 -2.96 -9.88
N ASN A 145 -1.26 -2.43 -10.23
CA ASN A 145 -1.33 -1.07 -10.75
C ASN A 145 -1.37 0.01 -9.68
N ARG A 146 -1.90 -0.34 -8.52
CA ARG A 146 -1.98 0.66 -7.47
C ARG A 146 -0.69 0.72 -6.66
N TYR A 147 -0.09 -0.44 -6.42
CA TYR A 147 1.07 -0.50 -5.52
C TYR A 147 2.43 -0.88 -6.15
N SER A 148 2.45 -1.34 -7.40
CA SER A 148 3.74 -1.74 -7.96
C SER A 148 4.05 -1.05 -9.28
N ASP A 149 3.36 0.05 -9.56
CA ASP A 149 3.52 0.73 -10.85
C ASP A 149 3.93 2.20 -10.69
N SER A 150 4.85 2.46 -9.77
CA SER A 150 5.26 3.82 -9.45
C SER A 150 6.59 4.30 -10.02
N THR A 151 6.56 5.45 -10.70
CA THR A 151 7.77 6.08 -11.21
C THR A 151 7.47 7.56 -11.47
N SER A 152 8.47 8.42 -11.34
CA SER A 152 8.34 9.84 -11.66
C SER A 152 9.63 10.31 -12.35
N GLU A 153 10.23 9.40 -13.10
CA GLU A 153 11.50 9.69 -13.78
C GLU A 153 11.43 10.94 -14.66
N ILE A 154 10.31 11.13 -15.37
CA ILE A 154 10.19 12.31 -16.22
C ILE A 154 10.24 13.58 -15.39
N ASP A 155 9.50 13.60 -14.29
CA ASP A 155 9.51 14.75 -13.41
C ASP A 155 10.90 14.90 -12.78
N ASN A 156 11.51 13.78 -12.38
CA ASN A 156 12.85 13.81 -11.82
C ASN A 156 13.85 14.51 -12.75
N LEU A 157 13.85 14.15 -14.03
CA LEU A 157 14.78 14.73 -14.99
C LEU A 157 14.48 16.19 -15.14
N ALA A 158 13.20 16.53 -15.02
CA ALA A 158 12.82 17.92 -15.09
C ALA A 158 13.41 18.67 -13.91
N LEU A 159 13.36 18.07 -12.72
CA LEU A 159 13.88 18.72 -11.53
C LEU A 159 15.40 18.85 -11.62
N LEU A 160 16.06 17.77 -12.06
CA LEU A 160 17.50 17.80 -12.18
C LEU A 160 17.94 18.88 -13.17
N THR A 161 17.18 19.00 -14.25
CA THR A 161 17.48 19.96 -15.29
C THR A 161 17.38 21.39 -14.78
N ALA A 162 16.38 21.63 -13.93
CA ALA A 162 16.22 22.96 -13.34
C ALA A 162 17.36 23.23 -12.35
N LEU A 163 17.72 22.21 -11.58
CA LEU A 163 18.78 22.38 -10.59
C LEU A 163 20.10 22.74 -11.26
N LYS A 164 20.37 22.09 -12.39
CA LYS A 164 21.59 22.36 -13.13
C LYS A 164 21.56 23.72 -13.78
N ASP A 165 20.38 24.22 -14.06
CA ASP A 165 20.30 25.53 -14.65
C ASP A 165 20.56 26.59 -13.58
N LYS A 166 20.04 26.31 -12.39
CA LYS A 166 20.17 27.24 -11.30
C LYS A 166 21.56 27.21 -10.67
N TYR A 167 22.06 26.02 -10.39
CA TYR A 167 23.31 25.86 -9.64
C TYR A 167 24.51 25.50 -10.49
N GLY A 168 24.30 25.37 -11.79
CA GLY A 168 25.35 24.87 -12.65
C GLY A 168 25.27 23.34 -12.71
N VAL A 169 26.07 22.74 -13.59
CA VAL A 169 26.10 21.31 -13.84
C VAL A 169 26.56 20.48 -12.66
N SER A 170 27.81 20.65 -12.23
CA SER A 170 28.33 19.83 -11.14
C SER A 170 27.54 20.00 -9.81
N GLN A 171 27.28 21.23 -9.43
CA GLN A 171 26.55 21.51 -8.20
C GLN A 171 25.09 21.06 -8.32
N GLY A 172 24.53 21.21 -9.51
CA GLY A 172 23.16 20.82 -9.77
C GLY A 172 22.97 19.33 -9.54
N MET A 173 23.93 18.57 -10.03
CA MET A 173 23.90 17.14 -9.86
C MET A 173 23.97 16.83 -8.37
N ALA A 174 24.83 17.55 -7.67
CA ALA A 174 25.02 17.32 -6.25
C ALA A 174 23.77 17.63 -5.42
N VAL A 175 23.00 18.64 -5.82
CA VAL A 175 21.78 19.00 -5.11
C VAL A 175 20.67 17.98 -5.37
N PHE A 176 20.60 17.46 -6.60
CA PHE A 176 19.62 16.41 -6.89
C PHE A 176 19.93 15.24 -5.98
N ASN A 177 21.20 14.91 -5.82
CA ASN A 177 21.56 13.79 -4.95
C ASN A 177 21.33 14.12 -3.49
N GLN A 178 20.98 15.37 -3.20
CA GLN A 178 20.72 15.79 -1.84
C GLN A 178 19.20 15.77 -1.56
N LEU A 179 18.39 16.06 -2.58
CA LEU A 179 16.93 16.09 -2.40
C LEU A 179 16.29 14.76 -2.73
N LYS A 180 16.93 14.03 -3.65
CA LYS A 180 16.44 12.73 -4.08
C LYS A 180 17.61 11.79 -4.11
N TRP A 181 18.17 11.48 -2.95
CA TRP A 181 19.30 10.57 -2.90
C TRP A 181 18.93 9.18 -3.41
N LEU A 182 19.91 8.49 -3.98
CA LEU A 182 19.74 7.11 -4.43
C LEU A 182 19.64 6.18 -3.23
N VAL A 183 20.63 6.28 -2.35
CA VAL A 183 20.63 5.55 -1.10
C VAL A 183 21.12 6.47 0.01
N ASN A 184 20.75 6.14 1.24
CA ASN A 184 21.12 6.93 2.42
C ASN A 184 21.45 5.89 3.45
N PRO A 185 22.71 5.77 3.81
CA PRO A 185 23.16 4.73 4.74
C PRO A 185 22.54 4.78 6.15
N SER A 186 21.99 5.92 6.55
CA SER A 186 21.39 6.07 7.88
C SER A 186 19.92 5.65 7.89
N ALA A 187 19.42 5.16 6.75
CA ALA A 187 18.03 4.73 6.66
C ALA A 187 17.78 3.50 7.54
N PRO A 188 16.84 3.59 8.47
CA PRO A 188 16.51 2.44 9.31
C PRO A 188 16.02 1.32 8.40
N THR A 189 16.59 0.13 8.55
CA THR A 189 16.24 -0.97 7.66
C THR A 189 15.62 -2.14 8.42
N THR A 190 14.71 -2.83 7.76
CA THR A 190 14.03 -3.97 8.35
C THR A 190 15.02 -5.08 8.63
N ILE A 191 15.99 -5.25 7.76
CA ILE A 191 17.07 -6.21 8.01
C ILE A 191 18.28 -5.46 8.54
N ALA A 192 18.74 -5.83 9.73
CA ALA A 192 19.88 -5.15 10.32
C ALA A 192 21.21 -5.34 9.55
N VAL A 193 22.09 -4.34 9.63
CA VAL A 193 23.38 -4.42 8.94
C VAL A 193 24.17 -5.67 9.35
N GLN A 194 23.99 -6.14 10.58
CA GLN A 194 24.73 -7.34 10.98
C GLN A 194 24.40 -8.55 10.11
N GLU A 195 23.17 -8.57 9.59
CA GLU A 195 22.70 -9.72 8.80
C GLU A 195 23.27 -9.71 7.41
N SER A 196 23.18 -8.55 6.75
CA SER A 196 23.53 -8.48 5.35
C SER A 196 23.42 -7.08 4.81
N ASN A 197 23.90 -6.90 3.57
CA ASN A 197 23.73 -5.64 2.86
C ASN A 197 23.46 -5.91 1.38
N TYR A 198 22.91 -4.92 0.68
CA TYR A 198 22.66 -5.07 -0.75
C TYR A 198 23.99 -4.82 -1.47
N PRO A 199 24.42 -5.75 -2.32
CA PRO A 199 25.75 -5.66 -2.91
C PRO A 199 25.90 -4.81 -4.17
N LEU A 200 24.80 -4.25 -4.67
CA LEU A 200 24.86 -3.51 -5.92
C LEU A 200 25.04 -2.02 -5.73
N LYS A 201 25.81 -1.43 -6.62
CA LYS A 201 26.03 0.01 -6.59
C LYS A 201 25.47 0.54 -7.89
N PHE A 202 24.86 1.73 -7.81
CA PHE A 202 24.23 2.34 -8.96
C PHE A 202 24.84 3.69 -9.35
N ASN A 203 24.77 3.98 -10.64
CA ASN A 203 25.24 5.26 -11.12
C ASN A 203 24.28 6.30 -10.59
N GLN A 204 24.80 7.42 -10.11
CA GLN A 204 23.94 8.48 -9.60
C GLN A 204 24.37 9.80 -10.22
N GLN A 205 24.77 9.74 -11.48
CA GLN A 205 25.21 10.92 -12.23
C GLN A 205 24.44 11.05 -13.54
N ASN A 206 23.34 10.32 -13.68
CA ASN A 206 22.57 10.35 -14.92
C ASN A 206 23.50 10.14 -16.11
N SER A 207 24.41 9.18 -16.00
CA SER A 207 25.39 8.92 -17.07
C SER A 207 24.78 8.39 -18.37
N GLN A 208 23.49 8.11 -18.38
CA GLN A 208 22.86 7.66 -19.62
C GLN A 208 22.79 8.78 -20.65
N THR A 209 23.09 10.00 -20.21
CA THR A 209 23.14 11.15 -21.11
C THR A 209 24.58 11.53 -21.45
N SER B 1 1.59 0.91 5.44
CA SER B 1 1.33 -0.42 6.08
C SER B 1 2.40 -0.80 7.07
N ASN B 2 1.99 -1.27 8.25
CA ASN B 2 2.96 -1.73 9.21
C ASN B 2 2.86 -3.22 9.48
N MET B 3 3.92 -3.74 10.10
CA MET B 3 4.04 -5.15 10.37
C MET B 3 5.14 -5.34 11.38
N TRP B 4 4.87 -6.13 12.41
CA TRP B 4 5.91 -6.57 13.31
C TRP B 4 5.73 -8.05 13.54
N VAL B 5 6.83 -8.78 13.32
CA VAL B 5 6.90 -10.21 13.58
C VAL B 5 7.90 -10.43 14.72
N ILE B 6 7.41 -11.02 15.79
CA ILE B 6 8.22 -11.25 16.97
C ILE B 6 8.56 -12.73 17.07
N GLY B 7 9.85 -13.07 17.04
CA GLY B 7 10.27 -14.45 17.11
C GLY B 7 10.38 -15.03 18.51
N LYS B 8 10.81 -16.27 18.59
CA LYS B 8 10.97 -17.02 19.85
C LYS B 8 11.79 -16.32 20.94
N SER B 9 12.87 -15.65 20.56
CA SER B 9 13.74 -14.97 21.52
C SER B 9 13.06 -13.74 22.14
N LYS B 10 11.98 -13.28 21.53
CA LYS B 10 11.29 -12.10 22.06
C LYS B 10 9.81 -12.30 22.34
N ALA B 11 9.26 -13.47 22.02
CA ALA B 11 7.85 -13.72 22.30
C ALA B 11 7.65 -14.23 23.73
N GLN B 12 6.66 -13.68 24.41
CA GLN B 12 6.31 -14.09 25.77
C GLN B 12 5.02 -14.89 25.74
N ASP B 13 5.03 -16.06 26.40
CA ASP B 13 3.87 -16.96 26.43
C ASP B 13 3.48 -17.43 25.01
N ALA B 14 4.44 -17.47 24.12
CA ALA B 14 4.18 -17.93 22.76
C ALA B 14 5.52 -18.14 22.06
N LYS B 15 5.51 -18.68 20.84
CA LYS B 15 6.76 -18.86 20.12
C LYS B 15 6.95 -17.84 19.01
N ALA B 16 5.85 -17.35 18.45
CA ALA B 16 5.91 -16.29 17.43
C ALA B 16 4.60 -15.51 17.31
N ILE B 17 4.73 -14.22 17.07
CA ILE B 17 3.57 -13.35 16.97
C ILE B 17 3.70 -12.49 15.75
N MET B 18 2.67 -12.46 14.92
CA MET B 18 2.67 -11.63 13.73
C MET B 18 1.48 -10.65 13.80
N VAL B 19 1.75 -9.35 13.64
CA VAL B 19 0.72 -8.30 13.70
C VAL B 19 0.91 -7.42 12.47
N ASN B 20 -0.09 -7.44 11.58
CA ASN B 20 -0.07 -6.77 10.29
C ASN B 20 -1.16 -5.70 10.24
N GLY B 21 -0.83 -4.53 9.71
CA GLY B 21 -1.78 -3.46 9.55
C GLY B 21 -1.61 -2.81 8.18
N PRO B 22 -2.14 -3.46 7.14
CA PRO B 22 -1.99 -2.97 5.77
C PRO B 22 -2.80 -1.68 5.59
N GLN B 23 -2.19 -0.62 5.06
CA GLN B 23 -2.88 0.67 4.97
C GLN B 23 -3.39 1.08 3.57
N PHE B 24 -4.55 0.54 3.24
CA PHE B 24 -5.14 0.69 1.93
C PHE B 24 -6.11 1.89 1.78
N GLY B 25 -6.32 2.63 2.86
CA GLY B 25 -7.36 3.65 2.90
C GLY B 25 -8.58 2.98 3.57
N TRP B 26 -9.70 3.68 3.69
CA TRP B 26 -10.85 3.14 4.37
C TRP B 26 -12.11 3.20 3.51
N TYR B 27 -12.78 2.07 3.37
CA TYR B 27 -13.92 2.01 2.46
C TYR B 27 -15.10 1.22 3.00
N ALA B 28 -16.25 1.45 2.39
CA ALA B 28 -17.48 0.74 2.70
C ALA B 28 -18.09 0.32 1.38
N PRO B 29 -18.37 -0.97 1.23
CA PRO B 29 -18.00 -1.97 2.24
C PRO B 29 -16.47 -2.19 2.33
N ALA B 30 -16.10 -3.05 3.26
CA ALA B 30 -14.70 -3.33 3.61
C ALA B 30 -13.75 -3.55 2.41
N TYR B 31 -12.53 -3.05 2.55
CA TYR B 31 -11.51 -3.24 1.55
C TYR B 31 -11.12 -4.72 1.43
N THR B 32 -11.08 -5.43 2.55
CA THR B 32 -10.72 -6.85 2.44
C THR B 32 -11.89 -7.75 2.70
N TYR B 33 -11.70 -9.04 2.42
CA TYR B 33 -12.73 -10.06 2.51
C TYR B 33 -12.24 -11.28 3.30
N GLY B 34 -12.98 -11.65 4.34
CA GLY B 34 -12.64 -12.80 5.16
C GLY B 34 -13.05 -14.09 4.48
N ILE B 35 -12.18 -15.09 4.48
CA ILE B 35 -12.43 -16.34 3.80
C ILE B 35 -11.60 -17.47 4.36
N GLY B 36 -12.17 -18.67 4.37
CA GLY B 36 -11.47 -19.85 4.84
C GLY B 36 -11.58 -20.87 3.73
N LEU B 37 -10.49 -21.55 3.41
CA LEU B 37 -10.48 -22.55 2.34
C LEU B 37 -9.96 -23.87 2.91
N HIS B 38 -10.70 -24.94 2.68
CA HIS B 38 -10.38 -26.25 3.25
C HIS B 38 -10.61 -27.38 2.24
N GLY B 39 -9.52 -27.83 1.63
CA GLY B 39 -9.52 -28.87 0.61
C GLY B 39 -8.55 -28.59 -0.54
N ALA B 40 -8.32 -29.61 -1.37
CA ALA B 40 -7.45 -29.47 -2.54
C ALA B 40 -6.07 -28.93 -2.18
N GLY B 41 -5.57 -29.31 -1.00
CA GLY B 41 -4.24 -28.90 -0.57
C GLY B 41 -4.20 -27.63 0.26
N TYR B 42 -5.31 -26.94 0.35
CA TYR B 42 -5.41 -25.72 1.16
C TYR B 42 -6.10 -25.97 2.50
N ASP B 43 -5.70 -25.17 3.49
CA ASP B 43 -6.33 -25.19 4.80
C ASP B 43 -5.94 -23.88 5.42
N VAL B 44 -6.70 -22.84 5.14
CA VAL B 44 -6.29 -21.52 5.54
C VAL B 44 -7.44 -20.67 6.03
N THR B 45 -7.11 -19.58 6.72
CA THR B 45 -8.09 -18.63 7.24
C THR B 45 -7.44 -17.25 7.26
N GLY B 46 -8.23 -16.20 7.10
CA GLY B 46 -7.70 -14.85 7.12
C GLY B 46 -8.58 -13.96 6.27
N ASN B 47 -8.04 -12.88 5.75
CA ASN B 47 -8.82 -12.01 4.90
C ASN B 47 -7.94 -11.41 3.82
N THR B 48 -8.51 -10.92 2.72
CA THR B 48 -7.67 -10.51 1.59
C THR B 48 -8.37 -9.46 0.74
N PRO B 49 -7.62 -8.55 0.12
CA PRO B 49 -8.22 -7.45 -0.66
C PRO B 49 -9.02 -7.93 -1.87
N PHE B 50 -10.21 -7.38 -2.06
CA PHE B 50 -11.08 -7.68 -3.22
C PHE B 50 -11.23 -9.18 -3.43
N ALA B 51 -11.12 -9.91 -2.35
CA ALA B 51 -11.25 -11.33 -2.43
C ALA B 51 -10.34 -11.98 -3.46
N TYR B 52 -9.07 -11.61 -3.52
CA TYR B 52 -8.14 -12.33 -4.41
C TYR B 52 -8.19 -13.82 -4.07
N PRO B 53 -8.01 -14.69 -5.04
CA PRO B 53 -7.97 -16.14 -4.78
C PRO B 53 -6.95 -16.44 -3.68
N GLY B 54 -5.86 -15.68 -3.67
CA GLY B 54 -4.82 -15.87 -2.66
C GLY B 54 -4.96 -14.93 -1.46
N LEU B 55 -4.98 -15.49 -0.26
CA LEU B 55 -5.12 -14.65 0.94
C LEU B 55 -3.84 -13.94 1.26
N VAL B 56 -3.88 -12.60 1.28
CA VAL B 56 -2.70 -11.84 1.64
C VAL B 56 -2.43 -11.83 3.14
N PHE B 57 -3.45 -12.02 3.95
CA PHE B 57 -3.29 -12.00 5.40
C PHE B 57 -3.96 -13.24 5.98
N GLY B 58 -3.17 -14.20 6.45
CA GLY B 58 -3.77 -15.44 6.91
C GLY B 58 -2.78 -16.46 7.42
N HIS B 59 -3.28 -17.64 7.75
CA HIS B 59 -2.38 -18.67 8.22
C HIS B 59 -2.95 -20.05 7.93
N ASN B 60 -2.14 -21.08 8.07
CA ASN B 60 -2.61 -22.42 7.79
C ASN B 60 -2.38 -23.37 8.96
N GLY B 61 -2.14 -22.84 10.15
CA GLY B 61 -1.95 -23.65 11.34
C GLY B 61 -0.53 -24.11 11.53
N VAL B 62 0.29 -23.93 10.49
CA VAL B 62 1.69 -24.30 10.55
C VAL B 62 2.54 -23.01 10.37
N ILE B 63 2.24 -22.23 9.33
CA ILE B 63 2.89 -20.95 9.09
C ILE B 63 1.86 -19.84 8.91
N SER B 64 2.30 -18.58 8.99
CA SER B 64 1.41 -17.46 8.77
C SER B 64 2.16 -16.47 7.91
N TRP B 65 1.43 -15.56 7.25
CA TRP B 65 2.04 -14.68 6.29
C TRP B 65 1.37 -13.30 6.28
N GLY B 66 2.07 -12.31 5.73
CA GLY B 66 1.55 -10.96 5.63
C GLY B 66 2.32 -10.15 4.59
N SER B 67 1.92 -8.89 4.39
CA SER B 67 2.57 -8.05 3.40
C SER B 67 2.50 -6.59 3.78
N THR B 68 3.41 -5.83 3.16
CA THR B 68 3.43 -4.37 3.14
C THR B 68 4.07 -4.06 1.79
N ALA B 69 3.67 -2.97 1.17
CA ALA B 69 4.24 -2.61 -0.13
C ALA B 69 5.73 -2.41 0.05
N GLY B 70 6.52 -2.93 -0.89
CA GLY B 70 7.96 -2.81 -0.84
C GLY B 70 8.54 -1.49 -1.31
N PHE B 71 7.92 -0.89 -2.32
CA PHE B 71 8.40 0.38 -2.86
C PHE B 71 9.86 0.32 -3.34
N GLY B 72 10.25 -0.79 -3.95
CA GLY B 72 11.57 -0.86 -4.56
C GLY B 72 11.40 -0.22 -5.94
N ASP B 73 12.50 0.02 -6.64
CA ASP B 73 12.42 0.61 -7.98
C ASP B 73 12.36 -0.49 -9.05
N ASP B 74 11.14 -0.84 -9.48
CA ASP B 74 10.97 -1.88 -10.48
C ASP B 74 10.37 -1.37 -11.80
N VAL B 75 10.39 -0.04 -11.99
CA VAL B 75 9.89 0.62 -13.20
C VAL B 75 10.86 1.70 -13.72
N ASP B 76 11.25 1.58 -14.99
CA ASP B 76 12.09 2.61 -15.59
C ASP B 76 11.32 3.13 -16.81
N ILE B 77 11.69 4.31 -17.28
CA ILE B 77 11.02 4.90 -18.43
C ILE B 77 11.94 5.01 -19.63
N PHE B 78 11.48 4.52 -20.76
CA PHE B 78 12.28 4.57 -21.98
C PHE B 78 11.77 5.67 -22.93
N ALA B 79 12.66 6.59 -23.29
CA ALA B 79 12.32 7.65 -24.23
C ALA B 79 12.47 7.12 -25.66
N GLU B 80 11.34 6.74 -26.27
CA GLU B 80 11.36 6.21 -27.62
C GLU B 80 11.64 7.29 -28.67
N ARG B 81 12.38 6.95 -29.71
CA ARG B 81 12.64 7.89 -30.79
C ARG B 81 11.63 7.68 -31.90
N LEU B 82 10.88 8.71 -32.22
CA LEU B 82 9.87 8.62 -33.26
C LEU B 82 10.32 9.33 -34.52
N SER B 83 9.44 9.32 -35.50
CA SER B 83 9.66 10.04 -36.76
C SER B 83 8.31 10.33 -37.39
N ALA B 84 8.15 11.57 -37.82
CA ALA B 84 6.94 12.05 -38.46
C ALA B 84 6.67 11.27 -39.74
N GLU B 85 7.73 10.76 -40.34
CA GLU B 85 7.60 10.06 -41.61
C GLU B 85 7.14 8.62 -41.44
N LYS B 86 7.25 8.10 -40.22
CA LYS B 86 6.84 6.73 -39.92
C LYS B 86 5.93 6.67 -38.69
N PRO B 87 4.73 7.25 -38.79
CA PRO B 87 3.81 7.27 -37.65
C PRO B 87 3.54 5.85 -37.23
N GLY B 88 3.58 5.59 -35.93
CA GLY B 88 3.36 4.24 -35.45
C GLY B 88 4.60 3.38 -35.34
N TYR B 89 5.76 3.95 -35.66
CA TYR B 89 7.05 3.23 -35.56
C TYR B 89 8.01 3.91 -34.61
N TYR B 90 9.01 3.17 -34.16
CA TYR B 90 10.03 3.76 -33.31
C TYR B 90 11.36 3.11 -33.66
N LEU B 91 12.45 3.84 -33.43
CA LEU B 91 13.78 3.32 -33.75
C LEU B 91 14.33 2.43 -32.60
N HIS B 92 14.72 1.20 -32.92
CA HIS B 92 15.19 0.26 -31.89
C HIS B 92 16.18 -0.73 -32.48
N ASN B 93 17.40 -0.71 -31.95
CA ASN B 93 18.48 -1.56 -32.44
C ASN B 93 18.73 -1.39 -33.95
N GLY B 94 18.75 -0.14 -34.38
CA GLY B 94 19.05 0.21 -35.76
C GLY B 94 17.91 0.18 -36.75
N LYS B 95 16.76 -0.35 -36.35
CA LYS B 95 15.64 -0.48 -37.26
C LYS B 95 14.32 0.13 -36.77
N TRP B 96 13.54 0.61 -37.71
CA TRP B 96 12.23 1.18 -37.44
C TRP B 96 11.26 0.03 -37.19
N VAL B 97 10.86 -0.09 -35.94
CA VAL B 97 10.06 -1.21 -35.52
C VAL B 97 8.64 -0.76 -35.33
N LYS B 98 7.70 -1.62 -35.69
CA LYS B 98 6.29 -1.30 -35.54
C LYS B 98 5.74 -1.44 -34.11
N MET B 99 5.19 -0.35 -33.59
CA MET B 99 4.55 -0.34 -32.29
C MET B 99 3.33 -1.25 -32.28
N LEU B 100 3.02 -1.79 -31.12
CA LEU B 100 1.77 -2.52 -30.95
C LEU B 100 0.70 -1.45 -30.78
N SER B 101 -0.48 -1.69 -31.32
CA SER B 101 -1.56 -0.74 -31.14
C SER B 101 -2.91 -1.43 -31.16
N ARG B 102 -3.88 -0.81 -30.49
CA ARG B 102 -5.24 -1.34 -30.44
C ARG B 102 -6.23 -0.21 -30.35
N GLU B 103 -7.43 -0.46 -30.86
CA GLU B 103 -8.50 0.50 -30.77
C GLU B 103 -9.36 0.18 -29.57
N GLU B 104 -9.76 1.20 -28.83
CA GLU B 104 -10.72 1.01 -27.72
C GLU B 104 -11.86 1.99 -27.91
N THR B 105 -13.05 1.61 -27.44
CA THR B 105 -14.23 2.49 -27.47
C THR B 105 -14.82 2.64 -26.07
N ILE B 106 -14.85 3.85 -25.54
CA ILE B 106 -15.48 4.04 -24.24
C ILE B 106 -16.96 4.26 -24.41
N THR B 107 -17.78 3.26 -24.12
CA THR B 107 -19.22 3.46 -24.20
C THR B 107 -19.59 4.30 -22.99
N VAL B 108 -20.57 5.18 -23.18
CA VAL B 108 -20.92 6.15 -22.15
C VAL B 108 -22.42 6.28 -21.87
N LYS B 109 -22.81 6.04 -20.62
CA LYS B 109 -24.22 6.19 -20.25
C LYS B 109 -24.74 7.62 -20.50
N ASN B 110 -25.81 7.72 -21.28
CA ASN B 110 -26.42 9.00 -21.62
C ASN B 110 -25.45 9.94 -22.34
N GLY B 111 -24.40 9.38 -22.92
CA GLY B 111 -23.43 10.18 -23.66
C GLY B 111 -23.00 9.52 -24.95
N GLN B 112 -22.16 10.21 -25.72
CA GLN B 112 -21.65 9.68 -26.98
C GLN B 112 -20.37 8.90 -26.71
N ALA B 113 -20.27 7.73 -27.31
CA ALA B 113 -19.09 6.88 -27.16
C ALA B 113 -17.86 7.56 -27.72
N GLU B 114 -16.70 7.21 -27.17
CA GLU B 114 -15.44 7.75 -27.64
C GLU B 114 -14.47 6.63 -27.98
N THR B 115 -13.84 6.74 -29.15
CA THR B 115 -12.86 5.80 -29.64
C THR B 115 -11.47 6.44 -29.65
N PHE B 116 -10.47 5.67 -29.22
CA PHE B 116 -9.08 6.11 -29.22
C PHE B 116 -8.11 4.92 -29.34
N THR B 117 -6.84 5.21 -29.60
CA THR B 117 -5.85 4.17 -29.77
C THR B 117 -4.86 4.15 -28.63
N VAL B 118 -4.48 2.95 -28.20
CA VAL B 118 -3.46 2.77 -27.18
C VAL B 118 -2.26 2.17 -27.88
N TRP B 119 -1.07 2.63 -27.50
CA TRP B 119 0.17 2.25 -28.17
C TRP B 119 1.15 1.64 -27.19
N ARG B 120 1.90 0.67 -27.67
CA ARG B 120 2.89 -0.02 -26.86
C ARG B 120 4.16 -0.30 -27.66
N THR B 121 5.31 -0.23 -26.99
CA THR B 121 6.57 -0.65 -27.60
C THR B 121 7.13 -1.84 -26.83
N VAL B 122 8.30 -2.30 -27.24
CA VAL B 122 8.98 -3.40 -26.56
C VAL B 122 9.33 -3.05 -25.10
N HIS B 123 9.20 -1.78 -24.75
CA HIS B 123 9.49 -1.32 -23.39
C HIS B 123 8.24 -1.22 -22.51
N GLY B 124 7.06 -1.25 -23.13
CA GLY B 124 5.81 -1.10 -22.39
C GLY B 124 4.86 -0.13 -23.08
N ASN B 125 3.68 0.04 -22.50
CA ASN B 125 2.70 0.96 -23.06
C ASN B 125 3.20 2.40 -23.10
N ILE B 126 2.79 3.14 -24.13
CA ILE B 126 3.18 4.55 -24.26
C ILE B 126 2.35 5.46 -23.35
N LEU B 127 3.02 6.41 -22.70
CA LEU B 127 2.34 7.41 -21.85
C LEU B 127 1.72 8.51 -22.69
N GLN B 128 0.54 8.98 -22.29
CA GLN B 128 -0.18 10.05 -23.01
C GLN B 128 0.57 11.37 -22.96
N THR B 129 1.00 11.71 -21.76
CA THR B 129 1.72 12.95 -21.49
C THR B 129 3.10 13.03 -22.16
N ASP B 130 3.68 14.23 -22.12
CA ASP B 130 5.07 14.50 -22.55
C ASP B 130 5.37 14.08 -23.98
N GLN B 131 4.40 14.24 -24.85
CA GLN B 131 4.50 13.76 -26.21
C GLN B 131 4.98 14.85 -27.16
N THR B 132 5.87 14.47 -28.07
CA THR B 132 6.40 15.38 -29.07
C THR B 132 6.48 14.65 -30.40
N THR B 133 6.67 15.37 -31.50
CA THR B 133 6.77 14.71 -32.80
C THR B 133 7.94 13.73 -32.83
N GLN B 134 8.96 14.04 -32.01
CA GLN B 134 10.15 13.21 -31.92
C GLN B 134 10.16 12.18 -30.80
N THR B 135 9.46 12.44 -29.71
CA THR B 135 9.54 11.55 -28.56
C THR B 135 8.24 11.06 -27.94
N ALA B 136 8.27 9.82 -27.50
CA ALA B 136 7.19 9.23 -26.72
C ALA B 136 7.84 8.37 -25.64
N TYR B 137 7.25 8.31 -24.47
CA TYR B 137 7.83 7.56 -23.37
C TYR B 137 7.08 6.27 -23.06
N ALA B 138 7.83 5.19 -22.89
CA ALA B 138 7.26 3.91 -22.56
C ALA B 138 7.54 3.58 -21.10
N LYS B 139 6.56 3.01 -20.40
CA LYS B 139 6.73 2.63 -19.01
C LYS B 139 7.09 1.15 -18.85
N SER B 140 8.30 0.89 -18.40
CA SER B 140 8.84 -0.44 -18.34
C SER B 140 8.82 -1.06 -16.94
N ARG B 141 8.00 -2.08 -16.76
CA ARG B 141 7.90 -2.75 -15.48
C ARG B 141 8.66 -4.07 -15.45
N ALA B 142 9.48 -4.27 -14.43
CA ALA B 142 10.20 -5.54 -14.30
C ALA B 142 9.24 -6.73 -14.20
N TRP B 143 7.98 -6.45 -13.86
CA TRP B 143 6.99 -7.50 -13.69
C TRP B 143 6.09 -7.70 -14.90
N ASP B 144 6.39 -6.98 -15.99
CA ASP B 144 5.62 -7.12 -17.21
C ASP B 144 5.59 -8.56 -17.66
N GLY B 145 4.38 -9.08 -17.89
CA GLY B 145 4.23 -10.45 -18.31
C GLY B 145 4.25 -11.45 -17.17
N LYS B 146 4.34 -10.97 -15.92
CA LYS B 146 4.38 -11.82 -14.73
C LYS B 146 3.22 -11.56 -13.77
N GLU B 147 2.19 -10.88 -14.26
CA GLU B 147 0.99 -10.60 -13.48
C GLU B 147 0.38 -11.87 -12.91
N LEU B 148 0.05 -12.80 -13.79
CA LEU B 148 -0.59 -14.03 -13.36
C LEU B 148 0.28 -14.81 -12.42
N ALA B 149 1.57 -14.83 -12.72
CA ALA B 149 2.51 -15.57 -11.86
C ALA B 149 2.48 -15.01 -10.44
N SER B 150 2.36 -13.71 -10.29
CA SER B 150 2.31 -13.12 -8.95
C SER B 150 1.02 -13.50 -8.23
N LEU B 151 -0.08 -13.50 -8.97
CA LEU B 151 -1.38 -13.88 -8.42
C LEU B 151 -1.34 -15.33 -7.93
N LEU B 152 -0.73 -16.21 -8.72
CA LEU B 152 -0.64 -17.62 -8.35
C LEU B 152 0.37 -17.81 -7.22
N ALA B 153 1.48 -17.10 -7.27
CA ALA B 153 2.45 -17.22 -6.21
C ALA B 153 1.81 -16.91 -4.86
N TRP B 154 1.03 -15.83 -4.83
CA TRP B 154 0.31 -15.44 -3.62
C TRP B 154 -0.70 -16.51 -3.17
N THR B 155 -1.18 -17.33 -4.10
CA THR B 155 -2.13 -18.37 -3.76
C THR B 155 -1.38 -19.61 -3.27
N HIS B 156 -0.42 -20.08 -4.07
CA HIS B 156 0.36 -21.29 -3.75
C HIS B 156 1.18 -21.18 -2.44
N GLN B 157 1.63 -19.99 -2.09
CA GLN B 157 2.39 -19.82 -0.84
C GLN B 157 1.55 -20.26 0.37
N MET B 158 0.23 -20.27 0.22
CA MET B 158 -0.64 -20.60 1.33
C MET B 158 -0.48 -22.06 1.75
N LYS B 159 0.03 -22.88 0.85
CA LYS B 159 0.23 -24.29 1.15
C LYS B 159 1.61 -24.62 1.71
N ALA B 160 2.49 -23.63 1.87
CA ALA B 160 3.86 -23.88 2.33
C ALA B 160 3.90 -24.36 3.77
N LYS B 161 4.87 -25.19 4.12
CA LYS B 161 4.89 -25.70 5.49
C LYS B 161 6.20 -25.36 6.21
N ASN B 162 7.08 -24.68 5.49
CA ASN B 162 8.36 -24.24 6.04
C ASN B 162 8.98 -23.13 5.19
N TRP B 163 10.08 -22.57 5.68
CA TRP B 163 10.77 -21.46 5.02
C TRP B 163 11.20 -21.76 3.58
N GLN B 164 11.66 -22.98 3.34
CA GLN B 164 12.15 -23.33 2.00
C GLN B 164 10.97 -23.39 1.03
N GLU B 165 9.88 -24.05 1.40
CA GLU B 165 8.69 -24.12 0.53
C GLU B 165 8.10 -22.72 0.32
N TRP B 166 8.19 -21.86 1.33
CA TRP B 166 7.60 -20.54 1.21
C TRP B 166 8.42 -19.60 0.31
N THR B 167 9.73 -19.57 0.51
CA THR B 167 10.56 -18.71 -0.33
C THR B 167 10.50 -19.14 -1.79
N GLN B 168 10.21 -20.41 -2.03
CA GLN B 168 10.04 -20.85 -3.40
C GLN B 168 8.88 -20.13 -4.07
N GLN B 169 7.83 -19.87 -3.31
CA GLN B 169 6.70 -19.15 -3.87
C GLN B 169 7.02 -17.65 -3.89
N ALA B 170 7.69 -17.18 -2.84
CA ALA B 170 8.07 -15.77 -2.79
C ALA B 170 8.89 -15.37 -4.04
N ALA B 171 9.75 -16.28 -4.52
CA ALA B 171 10.58 -15.99 -5.70
C ALA B 171 9.78 -15.85 -6.98
N LYS B 172 8.50 -16.21 -6.95
CA LYS B 172 7.69 -16.11 -8.14
C LYS B 172 6.77 -14.91 -8.08
N GLN B 173 6.76 -14.23 -6.94
CA GLN B 173 5.90 -13.07 -6.86
C GLN B 173 6.72 -11.93 -7.45
N ALA B 174 6.24 -11.34 -8.54
CA ALA B 174 7.03 -10.33 -9.25
C ALA B 174 6.74 -8.88 -8.93
N LEU B 175 5.69 -8.59 -8.17
CA LEU B 175 5.41 -7.20 -7.83
C LEU B 175 6.34 -6.79 -6.69
N THR B 176 6.56 -5.50 -6.47
CA THR B 176 7.45 -5.10 -5.39
C THR B 176 6.74 -5.10 -4.04
N ILE B 177 6.68 -6.27 -3.40
CA ILE B 177 6.01 -6.42 -2.14
C ILE B 177 6.89 -7.04 -1.04
N ASN B 178 6.82 -6.50 0.18
CA ASN B 178 7.48 -7.13 1.31
C ASN B 178 6.60 -8.29 1.77
N TRP B 179 7.13 -9.51 1.82
CA TRP B 179 6.43 -10.69 2.35
C TRP B 179 7.00 -11.10 3.73
N TYR B 180 6.16 -11.57 4.64
CA TYR B 180 6.62 -11.92 5.97
C TYR B 180 6.17 -13.32 6.32
N TYR B 181 6.99 -14.03 7.08
CA TYR B 181 6.73 -15.41 7.48
C TYR B 181 6.79 -15.61 9.01
N ALA B 182 6.05 -16.60 9.52
CA ALA B 182 6.15 -16.98 10.91
C ALA B 182 5.63 -18.40 10.98
N ASP B 183 6.06 -19.19 11.96
CA ASP B 183 5.59 -20.55 12.07
C ASP B 183 5.48 -21.09 13.47
N VAL B 184 4.78 -22.22 13.56
CA VAL B 184 4.46 -22.87 14.82
C VAL B 184 5.66 -23.12 15.76
N ASN B 185 6.87 -23.22 15.21
CA ASN B 185 8.06 -23.51 15.99
C ASN B 185 8.75 -22.24 16.47
N GLY B 186 8.23 -21.09 16.06
CA GLY B 186 8.77 -19.80 16.45
C GLY B 186 9.73 -19.19 15.45
N ASN B 187 9.81 -19.76 14.25
CA ASN B 187 10.69 -19.19 13.23
C ASN B 187 10.03 -17.97 12.60
N ILE B 188 10.82 -16.99 12.18
CA ILE B 188 10.27 -15.82 11.49
C ILE B 188 11.14 -15.43 10.31
N GLY B 189 10.52 -14.86 9.29
CA GLY B 189 11.25 -14.49 8.09
C GLY B 189 10.65 -13.32 7.32
N TYR B 190 11.43 -12.83 6.37
CA TYR B 190 11.05 -11.65 5.59
C TYR B 190 11.76 -11.71 4.25
N VAL B 191 11.04 -11.34 3.20
CA VAL B 191 11.58 -11.25 1.87
C VAL B 191 11.02 -10.03 1.15
N HIS B 192 11.89 -9.17 0.65
CA HIS B 192 11.45 -8.08 -0.19
C HIS B 192 11.33 -8.72 -1.56
N THR B 193 10.14 -9.25 -1.87
CA THR B 193 9.95 -9.96 -3.14
C THR B 193 9.87 -9.01 -4.34
N GLY B 194 9.86 -9.61 -5.52
CA GLY B 194 9.66 -8.88 -6.75
C GLY B 194 10.73 -9.06 -7.81
N ALA B 195 10.35 -8.73 -9.04
CA ALA B 195 11.30 -8.74 -10.16
C ALA B 195 12.00 -7.38 -10.18
N TYR B 196 13.33 -7.38 -10.31
CA TYR B 196 14.08 -6.13 -10.40
C TYR B 196 15.04 -6.21 -11.58
N PRO B 197 15.12 -5.15 -12.36
CA PRO B 197 15.92 -5.19 -13.59
C PRO B 197 17.41 -5.15 -13.40
N ASP B 198 18.10 -5.89 -14.27
CA ASP B 198 19.54 -5.92 -14.32
C ASP B 198 19.94 -4.82 -15.29
N ARG B 199 20.24 -3.65 -14.75
CA ARG B 199 20.46 -2.46 -15.55
C ARG B 199 21.88 -2.34 -16.12
N GLN B 200 22.00 -1.74 -17.29
CA GLN B 200 23.29 -1.50 -17.93
C GLN B 200 24.18 -0.66 -17.01
N SER B 201 25.49 -0.77 -17.19
CA SER B 201 26.42 0.02 -16.42
C SER B 201 26.25 1.49 -16.78
N GLY B 202 26.03 2.31 -15.76
CA GLY B 202 25.93 3.74 -15.95
C GLY B 202 24.50 4.26 -16.00
N HIS B 203 23.56 3.35 -15.78
CA HIS B 203 22.14 3.66 -15.81
C HIS B 203 21.67 4.15 -14.44
N ASP B 204 21.37 5.43 -14.35
CA ASP B 204 20.87 6.05 -13.13
C ASP B 204 19.38 5.77 -13.14
N PRO B 205 18.93 4.92 -12.24
CA PRO B 205 17.54 4.42 -12.23
C PRO B 205 16.50 5.47 -11.81
N ARG B 206 16.93 6.70 -11.53
CA ARG B 206 16.02 7.75 -11.12
C ARG B 206 15.65 8.61 -12.32
N LEU B 207 16.31 8.35 -13.44
CA LEU B 207 16.13 9.20 -14.61
C LEU B 207 15.83 8.31 -15.82
N PRO B 208 15.14 8.85 -16.82
CA PRO B 208 14.79 8.06 -18.00
C PRO B 208 16.02 7.64 -18.83
N VAL B 209 15.83 6.64 -19.68
CA VAL B 209 16.90 6.17 -20.55
C VAL B 209 16.39 6.10 -21.99
N PRO B 210 17.30 6.32 -22.94
CA PRO B 210 16.97 6.23 -24.36
C PRO B 210 16.39 4.85 -24.67
N GLY B 211 15.43 4.80 -25.57
CA GLY B 211 14.82 3.55 -25.92
C GLY B 211 15.37 2.96 -27.20
N THR B 212 16.43 3.55 -27.75
CA THR B 212 16.94 3.05 -29.02
C THR B 212 17.71 1.76 -28.92
N GLY B 213 17.94 1.24 -27.72
CA GLY B 213 18.57 -0.07 -27.62
C GLY B 213 19.75 -0.27 -26.69
N LYS B 214 20.71 0.63 -26.74
CA LYS B 214 21.90 0.50 -25.90
C LYS B 214 21.61 0.54 -24.39
N TRP B 215 20.43 1.01 -24.03
CA TRP B 215 20.12 1.09 -22.61
C TRP B 215 19.11 0.05 -22.16
N ASP B 216 18.73 -0.86 -23.03
CA ASP B 216 17.80 -1.91 -22.63
C ASP B 216 18.35 -2.67 -21.44
N TRP B 217 17.46 -3.09 -20.55
CA TRP B 217 17.84 -3.88 -19.40
C TRP B 217 18.54 -5.15 -19.88
N LYS B 218 19.44 -5.66 -19.06
CA LYS B 218 20.19 -6.86 -19.40
C LYS B 218 19.30 -8.08 -19.21
N GLY B 219 18.40 -7.97 -18.23
CA GLY B 219 17.47 -9.03 -17.88
C GLY B 219 16.95 -8.68 -16.50
N LEU B 220 16.70 -9.68 -15.69
CA LEU B 220 16.23 -9.43 -14.37
C LEU B 220 17.22 -10.01 -13.40
N LEU B 221 17.45 -9.32 -12.29
CA LEU B 221 18.29 -9.84 -11.22
C LEU B 221 17.72 -11.17 -10.68
N PRO B 222 18.60 -12.08 -10.25
CA PRO B 222 18.15 -13.32 -9.62
C PRO B 222 17.69 -13.16 -8.17
N PHE B 223 16.95 -14.16 -7.72
CA PHE B 223 16.35 -14.16 -6.40
C PHE B 223 17.36 -14.03 -5.27
N GLU B 224 18.58 -14.45 -5.54
CA GLU B 224 19.67 -14.29 -4.59
C GLU B 224 19.80 -12.81 -4.16
N MET B 225 19.53 -11.88 -5.08
CA MET B 225 19.65 -10.44 -4.78
C MET B 225 18.55 -9.86 -3.90
N ASN B 226 17.36 -10.45 -3.94
CA ASN B 226 16.26 -9.92 -3.15
C ASN B 226 16.55 -9.96 -1.66
N PRO B 227 16.50 -8.79 -1.00
CA PRO B 227 16.74 -8.71 0.45
C PRO B 227 15.88 -9.70 1.18
N LYS B 228 16.48 -10.48 2.07
CA LYS B 228 15.68 -11.44 2.81
C LYS B 228 16.40 -11.72 4.08
N VAL B 229 15.66 -12.16 5.09
CA VAL B 229 16.27 -12.61 6.33
C VAL B 229 15.41 -13.69 6.98
N TYR B 230 16.07 -14.67 7.57
CA TYR B 230 15.40 -15.73 8.29
C TYR B 230 15.96 -15.74 9.72
N ASN B 231 15.08 -15.70 10.71
CA ASN B 231 15.50 -15.69 12.09
C ASN B 231 16.65 -14.69 12.43
N PRO B 232 16.39 -13.40 12.24
CA PRO B 232 17.39 -12.34 12.48
C PRO B 232 17.84 -12.29 13.93
N GLN B 233 19.11 -11.93 14.18
CA GLN B 233 19.63 -11.85 15.54
C GLN B 233 18.82 -10.92 16.42
N SER B 234 18.27 -9.87 15.83
CA SER B 234 17.48 -8.94 16.63
C SER B 234 16.29 -9.62 17.32
N GLY B 235 15.78 -10.69 16.73
CA GLY B 235 14.64 -11.39 17.27
C GLY B 235 13.31 -10.79 16.84
N TYR B 236 13.36 -9.86 15.91
CA TYR B 236 12.12 -9.27 15.41
C TYR B 236 12.28 -8.75 13.99
N ILE B 237 11.14 -8.57 13.33
CA ILE B 237 11.09 -8.05 11.98
C ILE B 237 10.02 -6.98 11.97
N ALA B 238 10.45 -5.73 11.74
CA ALA B 238 9.50 -4.61 11.73
C ALA B 238 9.64 -3.80 10.46
N ASN B 239 8.51 -3.37 9.90
CA ASN B 239 8.52 -2.61 8.67
C ASN B 239 7.33 -1.62 8.64
N TRP B 240 7.53 -0.47 8.01
CA TRP B 240 6.45 0.49 7.84
C TRP B 240 6.70 1.19 6.51
N ASN B 241 6.90 0.37 5.49
CA ASN B 241 7.28 0.82 4.14
C ASN B 241 8.68 1.47 4.14
N ASN B 242 9.48 1.16 5.16
CA ASN B 242 10.84 1.67 5.25
C ASN B 242 11.78 0.77 4.45
N SER B 243 13.05 1.14 4.33
CA SER B 243 14.01 0.33 3.55
C SER B 243 14.17 -1.11 4.06
N PRO B 244 14.22 -2.06 3.15
CA PRO B 244 14.44 -3.46 3.55
C PRO B 244 15.86 -3.73 4.09
N GLN B 245 16.86 -3.07 3.53
CA GLN B 245 18.22 -3.49 3.77
C GLN B 245 19.24 -2.42 3.48
N LYS B 246 20.37 -2.48 4.17
CA LYS B 246 21.41 -1.47 3.96
C LYS B 246 21.84 -1.40 2.49
N ASP B 247 21.93 -0.18 1.97
CA ASP B 247 22.33 0.10 0.58
C ASP B 247 21.29 -0.29 -0.47
N TYR B 248 20.08 -0.63 -0.05
CA TYR B 248 19.05 -1.01 -1.00
C TYR B 248 18.32 0.24 -1.48
N PRO B 249 18.29 0.49 -2.77
CA PRO B 249 17.72 1.72 -3.30
C PRO B 249 16.20 1.70 -3.39
N ALA B 250 15.60 2.84 -3.07
CA ALA B 250 14.17 2.96 -3.10
C ALA B 250 13.59 3.28 -4.47
N SER B 251 12.27 3.22 -4.51
CA SER B 251 11.44 3.68 -5.61
C SER B 251 11.93 5.03 -6.12
N ASP B 252 11.84 5.28 -7.43
CA ASP B 252 12.28 6.57 -7.99
C ASP B 252 11.38 7.79 -7.73
N LEU B 253 10.22 7.59 -7.11
CA LEU B 253 9.31 8.70 -6.79
C LEU B 253 10.01 9.83 -6.05
N PHE B 254 9.92 11.05 -6.58
CA PHE B 254 10.55 12.21 -5.97
C PHE B 254 10.00 12.50 -4.58
N ALA B 255 8.75 12.10 -4.32
CA ALA B 255 8.17 12.30 -2.99
C ALA B 255 8.46 11.15 -2.02
N PHE B 256 9.27 10.20 -2.45
CA PHE B 256 9.57 9.02 -1.63
C PHE B 256 11.04 8.86 -1.26
N LEU B 257 11.32 8.75 0.04
CA LEU B 257 12.69 8.62 0.50
C LEU B 257 12.85 7.68 1.67
N TRP B 258 13.95 6.93 1.68
CA TRP B 258 14.35 6.15 2.87
C TRP B 258 15.57 6.88 3.40
N GLY B 259 15.42 7.56 4.54
CA GLY B 259 16.50 8.34 5.11
C GLY B 259 16.53 8.21 6.60
N GLY B 260 17.35 9.02 7.27
CA GLY B 260 17.46 8.94 8.71
C GLY B 260 16.12 9.05 9.40
N ALA B 261 15.24 9.83 8.80
CA ALA B 261 13.92 10.02 9.38
C ALA B 261 12.95 8.99 8.82
N ASP B 262 12.49 8.09 9.68
CA ASP B 262 11.57 7.09 9.21
C ASP B 262 10.61 6.72 10.29
N ARG B 263 9.34 6.63 9.94
CA ARG B 263 8.34 6.26 10.94
C ARG B 263 8.55 4.89 11.53
N VAL B 264 9.31 4.01 10.86
CA VAL B 264 9.48 2.65 11.39
C VAL B 264 10.21 2.68 12.74
N THR B 265 10.95 3.74 12.99
CA THR B 265 11.66 3.81 14.27
C THR B 265 10.67 3.75 15.43
N GLU B 266 9.46 4.24 15.20
CA GLU B 266 8.43 4.24 16.23
C GLU B 266 8.08 2.82 16.69
N ILE B 267 8.19 1.87 15.77
CA ILE B 267 7.89 0.48 16.10
C ILE B 267 9.09 -0.20 16.74
N ASP B 268 10.26 -0.02 16.14
CA ASP B 268 11.49 -0.56 16.71
C ASP B 268 11.62 -0.17 18.18
N ARG B 269 11.27 1.07 18.48
CA ARG B 269 11.41 1.56 19.83
C ARG B 269 10.56 0.77 20.83
N LEU B 270 9.32 0.48 20.45
CA LEU B 270 8.41 -0.23 21.35
C LEU B 270 8.75 -1.73 21.47
N LEU B 271 9.40 -2.29 20.46
CA LEU B 271 9.74 -3.70 20.49
C LEU B 271 11.00 -3.91 21.27
N GLU B 272 11.89 -2.90 21.25
CA GLU B 272 13.16 -3.00 21.95
C GLU B 272 13.02 -2.62 23.41
N GLN B 273 11.98 -1.83 23.69
CA GLN B 273 11.73 -1.33 25.02
C GLN B 273 11.46 -2.46 25.99
N LYS B 274 10.78 -3.51 25.53
CA LYS B 274 10.50 -4.68 26.34
C LYS B 274 11.25 -5.88 25.77
N PRO B 275 12.04 -6.55 26.59
CA PRO B 275 12.77 -7.75 26.15
C PRO B 275 11.86 -8.76 25.46
N ARG B 276 10.74 -9.11 26.09
CA ARG B 276 9.80 -10.01 25.47
C ARG B 276 8.45 -9.35 25.50
N LEU B 277 7.61 -9.65 24.51
CA LEU B 277 6.24 -9.11 24.44
C LEU B 277 5.22 -10.23 24.36
N THR B 278 4.06 -10.03 24.97
CA THR B 278 2.99 -11.01 24.87
C THR B 278 2.15 -10.61 23.66
N ALA B 279 1.19 -11.46 23.30
CA ALA B 279 0.31 -11.20 22.19
C ALA B 279 -0.45 -9.90 22.44
N ASP B 280 -0.97 -9.76 23.65
CA ASP B 280 -1.71 -8.57 24.04
C ASP B 280 -0.84 -7.30 23.92
N GLN B 281 0.40 -7.36 24.37
CA GLN B 281 1.29 -6.20 24.23
C GLN B 281 1.64 -5.92 22.76
N ALA B 282 1.83 -6.98 21.96
CA ALA B 282 2.11 -6.79 20.53
C ALA B 282 0.92 -6.16 19.82
N TRP B 283 -0.28 -6.54 20.23
CA TRP B 283 -1.49 -5.96 19.65
C TRP B 283 -1.57 -4.49 20.05
N ASP B 284 -1.23 -4.20 21.31
CA ASP B 284 -1.26 -2.84 21.84
C ASP B 284 -0.38 -1.90 21.02
N VAL B 285 0.63 -2.42 20.36
CA VAL B 285 1.50 -1.58 19.52
C VAL B 285 0.69 -0.89 18.38
N ILE B 286 -0.49 -1.42 18.07
CA ILE B 286 -1.30 -0.83 17.00
C ILE B 286 -1.85 0.48 17.53
N ARG B 287 -2.61 0.37 18.62
CA ARG B 287 -3.13 1.54 19.30
C ARG B 287 -2.06 2.64 19.48
N GLN B 288 -0.88 2.30 20.01
CA GLN B 288 0.16 3.32 20.24
C GLN B 288 0.72 3.96 18.95
N THR B 289 1.12 3.15 17.98
CA THR B 289 1.59 3.73 16.73
C THR B 289 0.49 4.48 15.99
N SER B 290 -0.78 4.10 16.17
CA SER B 290 -1.83 4.81 15.43
C SER B 290 -2.09 6.21 15.96
N ARG B 291 -1.65 6.48 17.19
CA ARG B 291 -1.81 7.81 17.80
C ARG B 291 -0.51 8.63 17.87
N GLN B 292 0.61 8.01 17.54
CA GLN B 292 1.91 8.67 17.68
C GLN B 292 2.18 9.75 16.64
N ASP B 293 2.39 10.99 17.09
CA ASP B 293 2.82 12.03 16.18
C ASP B 293 4.22 11.64 15.73
N LEU B 294 4.44 11.68 14.41
CA LEU B 294 5.65 11.14 13.80
C LEU B 294 6.81 12.12 13.64
N ASN B 295 6.55 13.40 13.93
CA ASN B 295 7.56 14.43 13.76
C ASN B 295 8.18 14.89 15.08
N LEU B 296 7.49 14.66 16.18
CA LEU B 296 7.97 15.06 17.47
C LEU B 296 9.41 14.59 17.69
N ARG B 297 9.58 13.28 17.68
CA ARG B 297 10.88 12.65 17.94
C ARG B 297 11.99 13.15 17.04
N LEU B 298 11.65 13.55 15.82
CA LEU B 298 12.67 13.96 14.86
C LEU B 298 13.18 15.36 15.06
N PHE B 299 12.32 16.28 15.49
CA PHE B 299 12.72 17.67 15.51
C PHE B 299 12.82 18.28 16.89
N LEU B 300 12.36 17.53 17.88
CA LEU B 300 12.43 17.97 19.24
C LEU B 300 13.84 18.39 19.66
N PRO B 301 14.84 17.56 19.41
CA PRO B 301 16.20 17.93 19.82
C PRO B 301 16.63 19.25 19.20
N THR B 302 16.32 19.44 17.91
CA THR B 302 16.63 20.68 17.22
C THR B 302 15.89 21.84 17.88
N LEU B 303 14.65 21.58 18.25
CA LEU B 303 13.83 22.59 18.91
C LEU B 303 14.39 22.93 20.28
N GLN B 304 14.86 21.93 21.01
CA GLN B 304 15.43 22.17 22.33
C GLN B 304 16.73 23.00 22.27
N ALA B 305 17.64 22.61 21.39
CA ALA B 305 18.91 23.32 21.20
C ALA B 305 18.69 24.80 20.90
N ALA B 306 17.76 25.08 20.01
CA ALA B 306 17.52 26.44 19.60
C ALA B 306 16.98 27.32 20.73
N THR B 307 16.18 26.74 21.63
CA THR B 307 15.57 27.50 22.70
C THR B 307 16.23 27.25 24.04
N SER B 308 17.28 26.45 24.06
CA SER B 308 17.89 26.10 25.33
C SER B 308 18.40 27.31 26.11
N GLY B 309 18.82 28.35 25.42
CA GLY B 309 19.36 29.50 26.12
C GLY B 309 18.47 30.72 26.20
N LEU B 310 17.16 30.54 26.13
CA LEU B 310 16.24 31.68 26.20
C LEU B 310 15.63 31.85 27.58
N THR B 311 15.18 33.05 27.93
CA THR B 311 14.53 33.23 29.24
C THR B 311 13.26 32.44 29.32
N GLN B 312 12.78 32.26 30.55
CA GLN B 312 11.61 31.42 30.80
C GLN B 312 10.32 31.98 30.19
N SER B 313 10.23 33.30 30.10
CA SER B 313 9.03 33.96 29.60
C SER B 313 8.98 34.01 28.09
N ASP B 314 9.99 33.46 27.43
CA ASP B 314 9.98 33.49 25.97
C ASP B 314 8.94 32.48 25.48
N PRO B 315 7.96 32.97 24.72
CA PRO B 315 6.86 32.14 24.23
C PRO B 315 7.34 31.04 23.25
N ARG B 316 8.42 31.29 22.51
CA ARG B 316 9.02 30.30 21.63
C ARG B 316 9.54 29.14 22.49
N ARG B 317 10.29 29.50 23.53
CA ARG B 317 10.79 28.54 24.49
C ARG B 317 9.67 27.70 25.09
N GLN B 318 8.56 28.36 25.39
CA GLN B 318 7.46 27.68 26.07
C GLN B 318 6.70 26.73 25.16
N LEU B 319 6.65 27.01 23.87
CA LEU B 319 6.04 26.08 22.94
C LEU B 319 6.88 24.80 22.96
N VAL B 320 8.20 24.98 23.04
CA VAL B 320 9.10 23.84 23.09
C VAL B 320 8.99 23.04 24.39
N GLU B 321 8.82 23.71 25.53
CA GLU B 321 8.66 23.00 26.80
C GLU B 321 7.42 22.14 26.73
N THR B 322 6.36 22.72 26.14
CA THR B 322 5.11 22.02 25.91
C THR B 322 5.37 20.71 25.17
N LEU B 323 6.15 20.79 24.09
CA LEU B 323 6.45 19.62 23.27
C LEU B 323 7.30 18.65 24.07
N THR B 324 8.21 19.19 24.88
CA THR B 324 9.11 18.35 25.65
C THR B 324 8.37 17.48 26.67
N ARG B 325 7.30 18.01 27.25
CA ARG B 325 6.53 17.28 28.26
C ARG B 325 5.56 16.23 27.66
N TRP B 326 5.44 16.27 26.34
CA TRP B 326 4.46 15.47 25.61
C TRP B 326 5.01 14.14 25.17
N ASP B 327 4.20 13.08 25.25
CA ASP B 327 4.64 11.79 24.72
C ASP B 327 4.36 11.70 23.22
N GLY B 328 3.58 12.65 22.70
CA GLY B 328 3.31 12.66 21.28
C GLY B 328 2.18 11.74 20.88
N ILE B 329 1.56 11.12 21.88
CA ILE B 329 0.43 10.23 21.69
C ILE B 329 -0.87 11.04 21.77
N ASN B 330 -1.50 11.30 20.63
CA ASN B 330 -2.75 12.06 20.64
C ASN B 330 -3.96 11.30 21.21
N LEU B 331 -4.75 12.01 21.99
CA LEU B 331 -5.98 11.46 22.53
C LEU B 331 -7.12 12.44 22.27
N LEU B 332 -8.34 11.93 22.17
CA LEU B 332 -9.48 12.80 21.96
C LEU B 332 -9.95 13.41 23.30
N ASN B 333 -10.42 14.65 23.26
CA ASN B 333 -11.11 15.22 24.43
C ASN B 333 -12.51 14.60 24.51
N ASP B 334 -13.23 14.86 25.61
CA ASP B 334 -14.60 14.36 25.80
C ASP B 334 -15.54 14.78 24.67
N ASP B 335 -15.19 15.84 23.98
CA ASP B 335 -16.03 16.36 22.90
C ASP B 335 -16.02 15.51 21.63
N GLY B 336 -15.02 14.65 21.50
CA GLY B 336 -14.91 13.80 20.32
C GLY B 336 -14.50 14.59 19.07
N LYS B 337 -14.03 15.81 19.30
CA LYS B 337 -13.66 16.70 18.21
C LYS B 337 -12.22 17.20 18.23
N THR B 338 -11.69 17.44 19.42
CA THR B 338 -10.37 18.04 19.55
C THR B 338 -9.37 17.16 20.29
N TRP B 339 -8.11 17.49 20.17
CA TRP B 339 -7.09 16.70 20.83
C TRP B 339 -6.77 17.24 22.21
N GLN B 340 -6.47 16.33 23.14
CA GLN B 340 -6.15 16.76 24.50
C GLN B 340 -4.97 17.73 24.55
N GLN B 341 -3.97 17.51 23.71
CA GLN B 341 -2.77 18.36 23.63
C GLN B 341 -2.60 18.98 22.24
N PRO B 342 -1.98 20.16 22.19
CA PRO B 342 -1.83 20.94 20.94
C PRO B 342 -0.54 20.67 20.16
N GLY B 343 0.23 19.70 20.59
CA GLY B 343 1.52 19.39 19.97
C GLY B 343 1.55 19.22 18.48
N SER B 344 0.58 18.52 17.91
CA SER B 344 0.60 18.30 16.47
C SER B 344 0.35 19.58 15.74
N ALA B 345 -0.56 20.40 16.27
CA ALA B 345 -0.83 21.68 15.61
C ALA B 345 0.43 22.53 15.64
N ILE B 346 1.13 22.52 16.77
CA ILE B 346 2.36 23.29 16.90
C ILE B 346 3.40 22.84 15.90
N LEU B 347 3.68 21.54 15.89
CA LEU B 347 4.65 20.99 14.97
C LEU B 347 4.24 21.27 13.52
N ASN B 348 2.96 21.12 13.23
CA ASN B 348 2.47 21.38 11.87
C ASN B 348 2.79 22.79 11.42
N VAL B 349 2.44 23.77 12.23
CA VAL B 349 2.68 25.15 11.84
C VAL B 349 4.17 25.43 11.73
N TRP B 350 4.92 25.01 12.74
CA TRP B 350 6.37 25.19 12.73
C TRP B 350 7.04 24.50 11.54
N LEU B 351 6.69 23.26 11.30
CA LEU B 351 7.30 22.54 10.19
C LEU B 351 6.96 23.21 8.84
N THR B 352 5.71 23.61 8.67
CA THR B 352 5.31 24.24 7.43
C THR B 352 6.19 25.46 7.19
N SER B 353 6.45 26.21 8.26
CA SER B 353 7.25 27.41 8.19
C SER B 353 8.71 27.08 7.90
N MET B 354 9.24 26.02 8.53
CA MET B 354 10.64 25.65 8.33
C MET B 354 10.84 25.27 6.86
N LEU B 355 9.96 24.45 6.31
CA LEU B 355 10.14 24.01 4.93
C LEU B 355 10.16 25.19 3.95
N LYS B 356 9.27 26.16 4.16
CA LYS B 356 9.18 27.31 3.29
C LYS B 356 10.44 28.18 3.40
N ARG B 357 11.06 28.19 4.56
CA ARG B 357 12.27 29.00 4.75
C ARG B 357 13.50 28.24 4.26
N THR B 358 13.41 26.91 4.17
CA THR B 358 14.59 26.11 3.80
C THR B 358 14.52 25.38 2.45
N VAL B 359 14.11 24.11 2.46
CA VAL B 359 14.10 23.32 1.23
C VAL B 359 13.37 24.02 0.09
N VAL B 360 12.22 24.59 0.42
CA VAL B 360 11.38 25.25 -0.56
C VAL B 360 12.09 26.43 -1.17
N ALA B 361 12.83 27.15 -0.34
CA ALA B 361 13.55 28.33 -0.80
C ALA B 361 14.71 27.97 -1.71
N ALA B 362 15.21 26.75 -1.61
CA ALA B 362 16.35 26.33 -2.43
C ALA B 362 15.99 25.62 -3.74
N VAL B 363 14.72 25.29 -3.93
CA VAL B 363 14.34 24.58 -5.13
C VAL B 363 13.62 25.52 -6.11
N PRO B 364 14.03 25.50 -7.36
CA PRO B 364 13.37 26.31 -8.41
C PRO B 364 11.91 25.95 -8.62
N MET B 365 11.10 26.99 -8.75
CA MET B 365 9.68 26.85 -9.05
C MET B 365 9.58 26.19 -10.41
N PRO B 366 8.55 25.37 -10.62
CA PRO B 366 7.56 25.05 -9.60
C PRO B 366 7.84 23.78 -8.80
N PHE B 367 9.04 23.23 -8.91
CA PHE B 367 9.40 22.02 -8.18
C PHE B 367 9.37 22.28 -6.65
N ASP B 368 9.54 23.54 -6.26
CA ASP B 368 9.52 23.91 -4.86
C ASP B 368 8.26 23.39 -4.16
N LYS B 369 7.13 23.40 -4.86
CA LYS B 369 5.89 22.90 -4.28
C LYS B 369 6.02 21.46 -3.77
N TRP B 370 6.90 20.66 -4.39
CA TRP B 370 7.03 19.25 -4.00
C TRP B 370 7.49 19.07 -2.57
N TYR B 371 8.06 20.12 -1.99
CA TYR B 371 8.75 20.00 -0.70
C TYR B 371 8.16 20.84 0.41
N SER B 372 6.98 21.39 0.18
CA SER B 372 6.34 22.29 1.13
C SER B 372 5.33 21.63 2.07
N ALA B 373 4.83 20.44 1.72
CA ALA B 373 3.89 19.72 2.59
C ALA B 373 4.53 19.34 3.91
N SER B 374 3.80 19.55 5.00
CA SER B 374 4.27 19.25 6.33
C SER B 374 3.93 17.83 6.72
N GLY B 375 2.97 17.23 6.02
CA GLY B 375 2.54 15.88 6.31
C GLY B 375 1.33 15.82 7.21
N TYR B 376 0.80 16.99 7.59
CA TYR B 376 -0.42 17.06 8.39
C TYR B 376 -1.65 17.44 7.53
N GLU B 377 -1.41 17.75 6.26
CA GLU B 377 -2.50 18.14 5.38
C GLU B 377 -3.60 17.09 5.33
N THR B 378 -4.85 17.55 5.34
CA THR B 378 -5.99 16.66 5.28
C THR B 378 -7.27 17.45 5.03
N THR B 379 -8.34 16.75 4.70
CA THR B 379 -9.64 17.39 4.50
C THR B 379 -10.52 17.07 5.70
N GLN B 380 -11.73 17.64 5.71
CA GLN B 380 -12.68 17.43 6.80
C GLN B 380 -13.04 15.95 6.96
N ASP B 381 -12.90 15.18 5.89
CA ASP B 381 -13.14 13.73 5.96
C ASP B 381 -11.95 12.97 6.59
N GLY B 382 -10.83 13.66 6.79
CA GLY B 382 -9.65 13.03 7.34
C GLY B 382 -8.80 12.36 6.27
N PRO B 383 -7.61 11.89 6.66
CA PRO B 383 -6.67 11.27 5.73
C PRO B 383 -7.26 10.13 4.92
N THR B 384 -6.85 10.03 3.67
CA THR B 384 -7.28 8.94 2.79
C THR B 384 -6.37 7.73 2.98
N GLY B 385 -5.24 7.94 3.65
CA GLY B 385 -4.31 6.86 3.91
C GLY B 385 -3.57 7.04 5.23
N SER B 386 -2.37 6.51 5.28
CA SER B 386 -1.54 6.62 6.47
C SER B 386 -0.98 8.03 6.60
N LEU B 387 -0.45 8.32 7.77
CA LEU B 387 0.27 9.56 8.00
C LEU B 387 1.73 9.21 7.97
N ASN B 388 2.54 10.07 7.37
CA ASN B 388 3.97 9.81 7.23
C ASN B 388 4.76 11.10 7.40
N ILE B 389 6.06 10.96 7.51
CA ILE B 389 6.96 12.10 7.54
C ILE B 389 7.07 12.55 6.11
N SER B 390 6.84 13.83 5.85
CA SER B 390 6.85 14.36 4.48
C SER B 390 8.26 14.34 3.90
N VAL B 391 8.31 14.42 2.58
CA VAL B 391 9.58 14.37 1.86
C VAL B 391 10.46 15.57 2.24
N GLY B 392 9.84 16.74 2.39
CA GLY B 392 10.60 17.93 2.77
C GLY B 392 11.17 17.76 4.18
N ALA B 393 10.35 17.21 5.07
CA ALA B 393 10.75 16.98 6.45
C ALA B 393 11.93 16.02 6.52
N LYS B 394 11.89 14.97 5.71
CA LYS B 394 13.02 14.06 5.66
C LYS B 394 14.29 14.80 5.23
N ILE B 395 14.19 15.68 4.24
CA ILE B 395 15.36 16.42 3.79
C ILE B 395 15.79 17.41 4.86
N LEU B 396 14.83 18.11 5.43
CA LEU B 396 15.10 19.02 6.51
C LEU B 396 15.85 18.30 7.63
N TYR B 397 15.42 17.08 7.96
CA TYR B 397 16.07 16.33 9.02
C TYR B 397 17.56 16.07 8.76
N GLU B 398 17.93 15.82 7.50
CA GLU B 398 19.36 15.57 7.24
C GLU B 398 20.12 16.85 7.55
N ALA B 399 19.53 17.98 7.16
CA ALA B 399 20.13 19.30 7.38
C ALA B 399 20.37 19.63 8.86
N VAL B 400 19.40 19.37 9.72
CA VAL B 400 19.56 19.68 11.14
C VAL B 400 20.46 18.68 11.84
N GLN B 401 20.77 17.58 11.15
CA GLN B 401 21.69 16.57 11.66
C GLN B 401 23.13 17.00 11.48
N GLY B 402 23.35 18.06 10.72
CA GLY B 402 24.71 18.54 10.47
C GLY B 402 25.63 17.46 9.92
N ASP B 403 26.80 17.34 10.52
CA ASP B 403 27.80 16.36 10.10
C ASP B 403 27.41 14.93 10.40
N LYS B 404 26.39 14.71 11.21
CA LYS B 404 25.94 13.35 11.49
C LYS B 404 25.18 12.76 10.29
N SER B 405 24.83 13.60 9.32
CA SER B 405 24.16 13.14 8.11
C SER B 405 25.17 12.63 7.09
N PRO B 406 24.92 11.47 6.50
CA PRO B 406 25.81 10.96 5.46
C PRO B 406 25.54 11.65 4.10
N ILE B 407 24.48 12.46 4.01
CA ILE B 407 24.17 13.14 2.75
C ILE B 407 24.88 14.50 2.61
N PRO B 408 25.80 14.63 1.65
CA PRO B 408 26.51 15.91 1.49
C PRO B 408 25.52 17.05 1.22
N GLN B 409 25.58 18.10 2.01
CA GLN B 409 24.68 19.22 1.80
C GLN B 409 25.23 20.14 0.70
N ALA B 410 25.10 19.69 -0.55
CA ALA B 410 25.60 20.45 -1.70
C ALA B 410 25.22 21.93 -1.53
N VAL B 411 23.95 22.19 -1.26
CA VAL B 411 23.55 23.52 -0.93
C VAL B 411 23.08 23.56 0.52
N ASP B 412 23.31 24.69 1.18
CA ASP B 412 22.90 24.93 2.55
C ASP B 412 21.44 25.36 2.59
N LEU B 413 20.55 24.44 2.99
CA LEU B 413 19.13 24.75 3.09
C LEU B 413 18.86 25.96 3.97
N PHE B 414 19.80 26.28 4.85
CA PHE B 414 19.65 27.43 5.73
C PHE B 414 20.24 28.71 5.14
N ALA B 415 20.89 28.58 3.99
CA ALA B 415 21.44 29.72 3.24
C ALA B 415 22.29 30.68 4.06
N GLY B 416 23.29 30.18 4.76
CA GLY B 416 24.18 31.04 5.52
C GLY B 416 23.69 31.43 6.91
N LYS B 417 22.38 31.40 7.12
CA LYS B 417 21.82 31.76 8.42
C LYS B 417 22.08 30.66 9.43
N PRO B 418 22.33 31.02 10.69
CA PRO B 418 22.51 30.00 11.73
C PRO B 418 21.21 29.22 11.85
N GLN B 419 21.31 27.92 12.09
CA GLN B 419 20.11 27.10 12.17
C GLN B 419 19.16 27.58 13.27
N GLN B 420 19.72 27.92 14.42
CA GLN B 420 18.96 28.41 15.54
C GLN B 420 18.08 29.60 15.19
N GLU B 421 18.64 30.56 14.45
CA GLU B 421 17.85 31.75 14.10
C GLU B 421 16.62 31.36 13.26
N VAL B 422 16.82 30.46 12.30
CA VAL B 422 15.75 30.05 11.41
C VAL B 422 14.70 29.21 12.17
N VAL B 423 15.16 28.39 13.11
CA VAL B 423 14.28 27.60 13.95
C VAL B 423 13.45 28.54 14.85
N LEU B 424 14.09 29.57 15.37
CA LEU B 424 13.42 30.55 16.21
C LEU B 424 12.42 31.34 15.41
N ALA B 425 12.82 31.84 14.25
CA ALA B 425 11.90 32.57 13.40
C ALA B 425 10.63 31.75 13.09
N ALA B 426 10.80 30.46 12.89
CA ALA B 426 9.65 29.58 12.65
C ALA B 426 8.82 29.37 13.94
N LEU B 427 9.49 29.35 15.08
CA LEU B 427 8.75 29.26 16.33
C LEU B 427 7.93 30.54 16.54
N GLU B 428 8.48 31.67 16.08
CA GLU B 428 7.82 32.96 16.20
C GLU B 428 6.56 32.96 15.35
N ASP B 429 6.67 32.47 14.12
CA ASP B 429 5.49 32.32 13.26
C ASP B 429 4.43 31.43 13.95
N THR B 430 4.88 30.33 14.53
CA THR B 430 3.96 29.41 15.15
C THR B 430 3.20 30.09 16.27
N TRP B 431 3.92 30.83 17.10
CA TRP B 431 3.28 31.45 18.25
C TRP B 431 2.31 32.53 17.82
N GLU B 432 2.70 33.31 16.82
CA GLU B 432 1.85 34.38 16.34
C GLU B 432 0.58 33.75 15.78
N THR B 433 0.75 32.82 14.85
CA THR B 433 -0.39 32.11 14.27
C THR B 433 -1.27 31.47 15.34
N LEU B 434 -0.69 30.59 16.15
CA LEU B 434 -1.54 29.85 17.09
C LEU B 434 -2.16 30.70 18.21
N SER B 435 -1.39 31.63 18.77
CA SER B 435 -1.93 32.49 19.83
C SER B 435 -3.03 33.39 19.30
N LYS B 436 -2.92 33.82 18.06
CA LYS B 436 -3.97 34.64 17.48
C LYS B 436 -5.27 33.82 17.36
N ARG B 437 -5.13 32.55 17.03
CA ARG B 437 -6.29 31.66 16.87
C ARG B 437 -6.91 31.15 18.19
N TYR B 438 -6.08 30.75 19.13
CA TYR B 438 -6.60 30.09 20.33
C TYR B 438 -6.43 30.92 21.60
N GLY B 439 -5.79 32.08 21.50
CA GLY B 439 -5.57 32.91 22.67
C GLY B 439 -4.20 32.61 23.23
N ASN B 440 -3.82 33.31 24.30
CA ASN B 440 -2.49 33.18 24.87
C ASN B 440 -2.32 32.14 25.97
N ASN B 441 -3.38 31.41 26.30
CA ASN B 441 -3.29 30.42 27.37
C ASN B 441 -3.24 29.04 26.77
N VAL B 442 -2.03 28.59 26.48
CA VAL B 442 -1.76 27.33 25.80
C VAL B 442 -2.48 26.14 26.41
N SER B 443 -2.53 26.11 27.74
CA SER B 443 -3.11 24.99 28.48
C SER B 443 -4.59 24.78 28.21
N ASN B 444 -5.24 25.74 27.57
CA ASN B 444 -6.64 25.50 27.25
C ASN B 444 -6.93 25.43 25.77
N TRP B 445 -5.88 25.20 24.98
CA TRP B 445 -5.97 25.07 23.53
C TRP B 445 -6.62 23.75 23.12
N LYS B 446 -7.72 23.85 22.36
CA LYS B 446 -8.43 22.66 21.90
C LYS B 446 -8.38 22.66 20.39
N THR B 447 -7.32 22.03 19.89
CA THR B 447 -7.04 22.00 18.46
C THR B 447 -7.77 20.85 17.85
N PRO B 448 -7.99 20.93 16.54
CA PRO B 448 -8.76 19.92 15.83
C PRO B 448 -8.08 18.57 15.71
N ALA B 449 -8.85 17.53 15.99
CA ALA B 449 -8.38 16.17 15.80
C ALA B 449 -8.70 15.73 14.38
N MET B 450 -7.92 14.79 13.87
CA MET B 450 -8.25 14.18 12.60
C MET B 450 -9.34 13.16 12.83
N ALA B 451 -10.26 13.02 11.88
CA ALA B 451 -11.31 12.01 11.97
C ALA B 451 -11.09 10.98 10.86
N LEU B 452 -11.90 9.95 10.80
CA LEU B 452 -11.70 8.88 9.83
C LEU B 452 -12.99 8.61 9.08
N THR B 453 -12.90 8.36 7.79
CA THR B 453 -14.08 8.09 6.98
C THR B 453 -13.93 6.77 6.20
N PHE B 454 -14.93 5.89 6.28
CA PHE B 454 -14.94 4.69 5.45
C PHE B 454 -15.70 5.15 4.22
N ARG B 455 -14.98 5.40 3.13
CA ARG B 455 -15.57 6.00 1.94
C ARG B 455 -16.40 5.07 1.08
N ALA B 456 -17.46 5.59 0.49
CA ALA B 456 -18.31 4.78 -0.39
C ALA B 456 -17.76 4.62 -1.80
N ASN B 457 -16.86 5.52 -2.21
CA ASN B 457 -16.18 5.39 -3.50
C ASN B 457 -14.89 4.57 -3.27
N ASN B 458 -14.55 3.65 -4.17
CA ASN B 458 -13.32 2.90 -3.95
C ASN B 458 -12.08 3.78 -4.22
N PHE B 459 -10.89 3.19 -4.18
CA PHE B 459 -9.68 3.99 -4.30
C PHE B 459 -9.57 4.73 -5.60
N PHE B 460 -10.23 4.22 -6.63
CA PHE B 460 -10.20 4.83 -7.93
C PHE B 460 -11.06 6.09 -7.96
N GLY B 461 -11.95 6.24 -6.97
CA GLY B 461 -12.89 7.34 -6.94
C GLY B 461 -14.21 6.90 -7.58
N VAL B 462 -14.35 5.60 -7.79
CA VAL B 462 -15.56 5.02 -8.35
C VAL B 462 -16.50 4.48 -7.26
N PRO B 463 -17.76 4.88 -7.27
CA PRO B 463 -18.70 4.35 -6.27
C PRO B 463 -18.73 2.81 -6.26
N GLN B 464 -18.63 2.29 -5.05
CA GLN B 464 -18.74 0.86 -4.84
C GLN B 464 -19.87 0.62 -3.85
N ALA B 465 -20.63 1.67 -3.59
CA ALA B 465 -21.76 1.64 -2.68
C ALA B 465 -22.47 2.96 -2.86
N ALA B 466 -23.68 3.09 -2.31
CA ALA B 466 -24.35 4.39 -2.41
C ALA B 466 -23.72 5.36 -1.41
N ALA B 467 -23.79 6.63 -1.72
CA ALA B 467 -23.18 7.69 -0.89
C ALA B 467 -23.52 7.62 0.60
N GLU B 468 -24.79 7.34 0.88
CA GLU B 468 -25.31 7.22 2.23
C GLU B 468 -24.65 6.07 3.00
N GLU B 469 -23.88 5.23 2.30
CA GLU B 469 -23.27 4.11 3.00
C GLU B 469 -21.95 4.46 3.65
N THR B 470 -21.53 5.71 3.48
CA THR B 470 -20.25 6.15 4.03
C THR B 470 -20.30 6.04 5.53
N ARG B 471 -19.24 5.54 6.15
CA ARG B 471 -19.23 5.45 7.59
C ARG B 471 -18.21 6.38 8.19
N HIS B 472 -18.51 6.86 9.39
CA HIS B 472 -17.65 7.82 10.04
C HIS B 472 -17.14 7.32 11.38
N GLN B 473 -15.92 7.69 11.73
CA GLN B 473 -15.32 7.34 13.00
C GLN B 473 -14.65 8.61 13.52
N ALA B 474 -15.03 9.01 14.72
CA ALA B 474 -14.52 10.22 15.34
C ALA B 474 -13.00 10.33 15.31
N GLU B 475 -12.32 9.25 15.68
CA GLU B 475 -10.88 9.26 15.84
C GLU B 475 -10.08 8.68 14.67
N TYR B 476 -9.34 9.55 13.97
CA TYR B 476 -8.43 8.99 12.97
C TYR B 476 -7.39 8.17 13.72
N GLN B 477 -6.98 7.06 13.13
CA GLN B 477 -5.94 6.19 13.71
C GLN B 477 -4.97 5.79 12.60
N ASN B 478 -3.70 6.12 12.75
CA ASN B 478 -2.70 5.80 11.74
C ASN B 478 -2.39 4.31 11.82
N ARG B 479 -3.32 3.49 11.34
CA ARG B 479 -3.25 2.05 11.50
C ARG B 479 -3.76 1.35 10.25
N GLY B 480 -3.69 0.02 10.25
CA GLY B 480 -4.14 -0.74 9.11
C GLY B 480 -5.62 -0.58 8.83
N THR B 481 -5.99 -0.66 7.56
CA THR B 481 -7.39 -0.69 7.15
C THR B 481 -8.01 -1.90 7.83
N GLU B 482 -7.22 -2.96 7.94
CA GLU B 482 -7.60 -4.11 8.76
C GLU B 482 -6.36 -4.43 9.59
N ASN B 483 -6.55 -5.11 10.70
CA ASN B 483 -5.43 -5.59 11.51
C ASN B 483 -5.68 -7.06 11.83
N ASP B 484 -4.67 -7.87 11.60
CA ASP B 484 -4.74 -9.29 11.95
C ASP B 484 -3.46 -9.63 12.72
N MET B 485 -3.61 -10.53 13.69
CA MET B 485 -2.53 -11.02 14.48
C MET B 485 -2.61 -12.52 14.51
N ILE B 486 -1.47 -13.18 14.30
CA ILE B 486 -1.42 -14.62 14.44
C ILE B 486 -0.42 -14.93 15.54
N VAL B 487 -0.82 -15.78 16.47
CA VAL B 487 0.04 -16.14 17.59
C VAL B 487 0.33 -17.61 17.58
N PHE B 488 1.58 -17.99 17.37
CA PHE B 488 1.91 -19.40 17.32
C PHE B 488 2.36 -19.98 18.65
N SER B 489 1.91 -21.21 18.90
CA SER B 489 2.19 -21.92 20.14
C SER B 489 1.91 -21.12 21.40
N PRO B 490 0.72 -20.54 21.51
CA PRO B 490 0.35 -19.77 22.72
C PRO B 490 0.32 -20.71 23.94
N THR B 491 1.05 -20.38 24.99
CA THR B 491 1.09 -21.29 26.14
C THR B 491 -0.21 -21.44 26.94
N THR B 492 -1.19 -20.55 26.74
CA THR B 492 -2.43 -20.60 27.50
C THR B 492 -3.62 -21.12 26.72
N SER B 493 -3.38 -21.76 25.59
CA SER B 493 -4.47 -22.24 24.78
C SER B 493 -4.27 -23.72 24.49
N ASP B 494 -5.35 -24.39 24.07
CA ASP B 494 -5.32 -25.81 23.73
C ASP B 494 -4.97 -26.01 22.26
N ARG B 495 -4.87 -24.90 21.52
CA ARG B 495 -4.55 -24.95 20.09
C ARG B 495 -3.08 -24.56 19.91
N PRO B 496 -2.44 -25.07 18.86
CA PRO B 496 -1.07 -24.68 18.55
C PRO B 496 -1.00 -23.30 17.88
N VAL B 497 -2.14 -22.70 17.61
CA VAL B 497 -2.17 -21.39 16.98
C VAL B 497 -3.45 -20.66 17.32
N LEU B 498 -3.38 -19.34 17.49
CA LEU B 498 -4.60 -18.56 17.70
C LEU B 498 -4.51 -17.41 16.72
N ALA B 499 -5.65 -16.94 16.23
CA ALA B 499 -5.63 -15.83 15.27
C ALA B 499 -6.86 -14.94 15.37
N TRP B 500 -6.64 -13.66 15.12
CA TRP B 500 -7.69 -12.65 15.18
C TRP B 500 -7.56 -11.65 14.05
N ASP B 501 -8.65 -10.97 13.71
CA ASP B 501 -8.67 -9.90 12.73
C ASP B 501 -9.89 -9.01 12.98
N VAL B 502 -10.03 -7.98 12.17
CA VAL B 502 -11.18 -7.09 12.25
C VAL B 502 -11.40 -6.58 10.86
N VAL B 503 -12.56 -6.86 10.29
CA VAL B 503 -12.87 -6.44 8.94
C VAL B 503 -14.08 -5.50 9.02
N ALA B 504 -13.78 -4.20 8.98
CA ALA B 504 -14.76 -3.15 9.17
C ALA B 504 -15.13 -2.53 7.84
N PRO B 505 -16.40 -2.16 7.64
CA PRO B 505 -17.46 -2.28 8.65
C PRO B 505 -17.96 -3.68 8.98
N GLY B 506 -17.91 -4.62 8.03
CA GLY B 506 -18.35 -5.98 8.30
C GLY B 506 -18.07 -6.92 7.14
N GLN B 507 -18.29 -8.21 7.35
CA GLN B 507 -18.07 -9.19 6.28
C GLN B 507 -18.91 -8.91 5.02
N SER B 508 -20.16 -8.50 5.23
CA SER B 508 -21.10 -8.37 4.12
C SER B 508 -21.35 -6.92 3.69
N GLY B 509 -21.63 -6.76 2.41
CA GLY B 509 -21.98 -5.44 1.88
C GLY B 509 -23.39 -5.50 1.35
N PHE B 510 -24.08 -6.61 1.60
CA PHE B 510 -25.42 -6.81 1.04
C PHE B 510 -26.55 -6.01 1.64
N ILE B 511 -27.38 -5.47 0.76
CA ILE B 511 -28.59 -4.76 1.13
C ILE B 511 -29.68 -5.31 0.23
N ALA B 512 -30.75 -5.84 0.80
CA ALA B 512 -31.86 -6.35 0.01
C ALA B 512 -32.57 -5.22 -0.77
N PRO B 513 -33.31 -5.55 -1.82
CA PRO B 513 -34.06 -4.56 -2.60
C PRO B 513 -34.90 -3.61 -1.75
N ASP B 514 -35.49 -4.10 -0.66
CA ASP B 514 -36.30 -3.23 0.19
C ASP B 514 -35.48 -2.37 1.13
N GLY B 515 -34.15 -2.50 1.05
CA GLY B 515 -33.26 -1.68 1.87
C GLY B 515 -32.82 -2.36 3.16
N THR B 516 -33.19 -3.61 3.35
CA THR B 516 -32.83 -4.32 4.57
C THR B 516 -31.39 -4.73 4.49
N VAL B 517 -30.62 -4.23 5.44
CA VAL B 517 -29.20 -4.44 5.46
C VAL B 517 -28.89 -5.78 6.11
N ASP B 518 -27.89 -6.48 5.56
CA ASP B 518 -27.48 -7.77 6.11
C ASP B 518 -27.12 -7.72 7.59
N LYS B 519 -27.25 -8.87 8.24
CA LYS B 519 -26.87 -8.99 9.62
C LYS B 519 -25.36 -8.75 9.82
N HIS B 520 -24.55 -8.92 8.78
CA HIS B 520 -23.11 -8.68 8.93
C HIS B 520 -22.62 -7.45 8.18
N TYR B 521 -23.47 -6.42 8.14
CA TYR B 521 -23.21 -5.20 7.39
C TYR B 521 -22.35 -4.21 8.15
N GLU B 522 -22.51 -4.22 9.47
CA GLU B 522 -21.81 -3.23 10.26
C GLU B 522 -21.44 -3.76 11.65
N ASP B 523 -21.44 -5.07 11.82
CA ASP B 523 -21.16 -5.63 13.13
C ASP B 523 -19.68 -5.61 13.55
N GLN B 524 -18.80 -5.05 12.73
CA GLN B 524 -17.39 -4.98 13.14
C GLN B 524 -16.89 -3.55 13.27
N LEU B 525 -17.78 -2.59 13.07
CA LEU B 525 -17.43 -1.18 13.03
C LEU B 525 -16.96 -0.65 14.38
N LYS B 526 -17.73 -0.91 15.44
CA LYS B 526 -17.38 -0.43 16.77
C LYS B 526 -16.14 -1.17 17.27
N MET B 527 -16.04 -2.45 16.91
CA MET B 527 -14.85 -3.23 17.24
C MET B 527 -13.56 -2.58 16.68
N TYR B 528 -13.63 -2.14 15.43
CA TYR B 528 -12.49 -1.48 14.82
C TYR B 528 -12.09 -0.26 15.64
N GLU B 529 -13.10 0.55 15.92
CA GLU B 529 -12.95 1.80 16.65
C GLU B 529 -12.20 1.63 17.96
N ASN B 530 -12.57 0.63 18.76
CA ASN B 530 -11.95 0.48 20.07
C ASN B 530 -10.77 -0.50 20.14
N PHE B 531 -10.10 -0.72 19.01
CA PHE B 531 -8.97 -1.64 18.96
C PHE B 531 -9.33 -3.05 19.40
N GLY B 532 -10.59 -3.43 19.13
CA GLY B 532 -11.07 -4.77 19.39
C GLY B 532 -10.70 -5.73 18.24
N ARG B 533 -11.12 -6.99 18.35
CA ARG B 533 -10.78 -8.02 17.35
C ARG B 533 -11.61 -9.28 17.62
N LYS B 534 -11.87 -10.06 16.58
CA LYS B 534 -12.61 -11.30 16.77
C LYS B 534 -11.76 -12.49 16.31
N SER B 535 -12.08 -13.67 16.81
CA SER B 535 -11.32 -14.86 16.46
C SER B 535 -11.50 -15.32 15.02
N LEU B 536 -10.41 -15.76 14.42
CA LEU B 536 -10.42 -16.38 13.10
C LEU B 536 -10.34 -17.89 13.39
N TRP B 537 -11.28 -18.67 12.86
CA TRP B 537 -11.24 -20.12 13.08
C TRP B 537 -10.54 -20.85 11.94
N LEU B 538 -9.95 -22.00 12.26
CA LEU B 538 -9.23 -22.83 11.29
C LEU B 538 -9.68 -24.28 11.26
N THR B 539 -9.63 -24.96 12.41
CA THR B 539 -10.01 -26.37 12.48
C THR B 539 -11.50 -26.61 12.25
N LYS B 540 -11.82 -27.81 11.79
CA LYS B 540 -13.18 -28.22 11.55
C LYS B 540 -14.03 -28.04 12.78
N GLN B 541 -13.50 -28.43 13.93
CA GLN B 541 -14.26 -28.32 15.17
C GLN B 541 -14.49 -26.87 15.63
N ASP B 542 -13.53 -25.99 15.37
CA ASP B 542 -13.70 -24.60 15.76
C ASP B 542 -14.75 -23.95 14.87
N VAL B 543 -14.60 -24.15 13.57
CA VAL B 543 -15.57 -23.62 12.63
C VAL B 543 -16.95 -24.19 12.97
N GLU B 544 -17.01 -25.50 13.15
CA GLU B 544 -18.29 -26.13 13.51
C GLU B 544 -18.87 -25.57 14.81
N ALA B 545 -18.03 -25.35 15.82
CA ALA B 545 -18.55 -24.89 17.10
C ALA B 545 -19.07 -23.45 17.01
N HIS B 546 -18.60 -22.72 16.00
CA HIS B 546 -18.98 -21.33 15.85
C HIS B 546 -19.85 -21.08 14.61
N LYS B 547 -20.40 -22.14 14.05
CA LYS B 547 -21.24 -22.05 12.87
C LYS B 547 -22.55 -21.26 13.11
N GLU B 548 -22.91 -20.41 12.17
CA GLU B 548 -24.20 -19.70 12.23
C GLU B 548 -25.14 -20.24 11.12
N SER B 549 -24.55 -20.68 10.01
CA SER B 549 -25.33 -21.20 8.89
C SER B 549 -24.44 -22.14 8.10
N GLN B 550 -25.07 -22.96 7.28
CA GLN B 550 -24.39 -23.98 6.50
C GLN B 550 -25.21 -24.20 5.21
N GLU B 551 -24.51 -24.48 4.10
CA GLU B 551 -25.17 -24.68 2.82
C GLU B 551 -24.31 -25.62 2.01
N VAL B 552 -24.94 -26.58 1.32
CA VAL B 552 -24.18 -27.56 0.54
C VAL B 552 -24.56 -27.49 -0.92
N LEU B 553 -23.56 -27.36 -1.78
CA LEU B 553 -23.78 -27.30 -3.22
C LEU B 553 -23.34 -28.61 -3.84
N HIS B 554 -24.05 -29.05 -4.88
CA HIS B 554 -23.67 -30.25 -5.61
C HIS B 554 -23.52 -29.87 -7.07
N VAL B 555 -22.28 -29.85 -7.54
CA VAL B 555 -21.99 -29.37 -8.88
C VAL B 555 -20.86 -30.14 -9.61
N GLN B 556 -21.02 -30.30 -10.92
CA GLN B 556 -19.95 -30.89 -11.71
C GLN B 556 -19.48 -29.92 -12.78
N ARG B 557 -18.17 -29.83 -12.94
CA ARG B 557 -17.58 -28.96 -13.93
C ARG B 557 -18.09 -29.39 -15.30
CA CA C . 13.25 3.78 -12.15
O2 GRO D . 1.86 -1.00 2.05
C1 GRO D . 1.15 -0.45 1.06
O1 GRO D . 1.44 0.67 0.64
C2 GRO D . -0.02 -1.15 0.44
C3 GRO D . -1.28 -0.65 1.17
C1' GRO D . 0.08 -2.63 0.42
C6' GRO D . 0.32 -3.28 -0.79
C5' GRO D . 0.41 -4.67 -0.87
C4' GRO D . 0.25 -5.44 0.28
C3' GRO D . 0.00 -4.80 1.51
C2' GRO D . -0.08 -3.40 1.57
#